data_5ZDR
#
_entry.id   5ZDR
#
_cell.length_a   152.308
_cell.length_b   219.682
_cell.length_c   63.481
_cell.angle_alpha   90.00
_cell.angle_beta   114.89
_cell.angle_gamma   90.00
#
_symmetry.space_group_name_H-M   'C 1 2 1'
#
loop_
_entity.id
_entity.type
_entity.pdbx_description
1 polymer 'Alternative oxidase, mitochondrial'
2 non-polymer 'FE (III) ION'
3 non-polymer 'HYDROXIDE ION'
4 non-polymer 3-chloro-4,6-dihydroxy-5-[(2E,6E,8S)-8-hydroxy-3,7-dimethylnona-2,6-dien-1-yl]-2-methylbenzaldehyde
5 water water
#
_entity_poly.entity_id   1
_entity_poly.type   'polypeptide(L)'
_entity_poly.pdbx_seq_one_letter_code
;MFRNHASRITAAAAPWVLRTACRQKSDAKTPVWGHTQLNRLSFLETVPVVPLRVSDESSEDRPTWSLPDIENVAITHKKP
NGLVDTLAYRSVRTCRWLFDTFSLYRFGSITESKVISRCLFLETVAGVPGMVGGMLRHLSSLRYMTRDKGWINTLLVEAE
NERMHLMTFIELRQPGLPLRVSIIITQAIMYLFLLVAYVISPRFVHRFVGYLEEEAVITYTGVMRAIDEGRLRPTKNDVP
EVARVYWNLSKNATFRDLINVIRADEAEHRVVNHTFADMHEKRLQNSVNPFVVLKKNPEEMYSNQPSGKTRTDFGSEGAK
TASNVNKHV
;
_entity_poly.pdbx_strand_id   A,B,C,D
#
# COMPACT_ATOMS: atom_id res chain seq x y z
N THR A 30 -17.96 15.22 4.75
CA THR A 30 -16.57 15.79 4.69
C THR A 30 -15.46 14.71 4.80
N PRO A 31 -15.45 13.89 5.89
CA PRO A 31 -14.40 12.89 6.14
C PRO A 31 -13.59 12.37 4.92
N VAL A 32 -12.26 12.51 4.99
CA VAL A 32 -11.36 12.08 3.90
C VAL A 32 -10.78 10.69 4.21
N TRP A 33 -11.67 9.72 4.37
CA TRP A 33 -11.31 8.37 4.71
C TRP A 33 -11.71 7.48 3.53
N GLY A 34 -10.75 7.18 2.66
CA GLY A 34 -11.02 6.31 1.52
C GLY A 34 -9.86 5.36 1.28
N HIS A 35 -9.78 4.83 0.07
CA HIS A 35 -8.96 3.65 -0.22
C HIS A 35 -7.44 3.81 -0.25
N THR A 36 -6.94 5.04 -0.39
CA THR A 36 -5.51 5.29 -0.26
C THR A 36 -5.09 5.22 1.22
N GLN A 37 -6.04 5.57 2.11
CA GLN A 37 -5.84 5.47 3.55
C GLN A 37 -6.12 4.06 4.01
N LEU A 38 -6.94 3.33 3.25
CA LEU A 38 -7.29 1.96 3.63
C LEU A 38 -6.22 0.93 3.28
N ASN A 39 -5.32 1.31 2.36
CA ASN A 39 -4.20 0.48 1.93
C ASN A 39 -2.90 0.81 2.65
N ARG A 40 -2.90 1.82 3.51
CA ARG A 40 -1.77 2.09 4.43
C ARG A 40 -1.51 0.97 5.43
N LEU A 41 -0.26 0.86 5.85
CA LEU A 41 0.13 -0.11 6.86
C LEU A 41 -0.22 0.37 8.28
N SER A 42 -0.08 1.67 8.53
CA SER A 42 -0.34 2.26 9.86
C SER A 42 -0.42 3.75 9.76
N PHE A 43 -0.97 4.41 10.77
CA PHE A 43 -0.94 5.89 10.86
C PHE A 43 -0.24 6.29 12.12
N LEU A 44 0.66 5.43 12.58
CA LEU A 44 1.45 5.67 13.80
C LEU A 44 2.07 7.05 13.77
N GLU A 45 2.35 7.53 12.55
CA GLU A 45 3.21 8.71 12.36
C GLU A 45 2.42 9.99 12.55
N THR A 46 1.11 9.98 12.27
CA THR A 46 0.25 11.16 12.54
C THR A 46 0.03 11.36 14.04
N VAL A 47 0.22 10.30 14.83
CA VAL A 47 -0.11 10.31 16.26
C VAL A 47 0.41 11.55 17.06
N PRO A 48 1.65 11.99 16.80
CA PRO A 48 2.15 13.18 17.52
C PRO A 48 1.50 14.54 17.17
N VAL A 49 0.82 14.62 16.02
CA VAL A 49 0.21 15.88 15.58
C VAL A 49 -1.31 15.79 15.51
N VAL A 50 -1.91 15.20 16.54
CA VAL A 50 -3.37 15.24 16.66
C VAL A 50 -3.71 15.96 17.96
N PRO A 51 -4.61 16.97 17.89
CA PRO A 51 -4.92 17.74 19.08
C PRO A 51 -5.72 16.89 20.03
N LEU A 52 -5.78 17.35 21.27
CA LEU A 52 -6.44 16.67 22.34
C LEU A 52 -7.58 17.59 22.70
N ARG A 53 -8.57 17.57 21.82
CA ARG A 53 -9.80 18.35 21.94
C ARG A 53 -10.77 17.53 22.76
N VAL A 54 -11.35 18.14 23.74
CA VAL A 54 -12.07 17.35 24.73
C VAL A 54 -13.26 16.50 24.17
N SER A 55 -13.95 17.04 23.18
CA SER A 55 -15.06 16.37 22.49
C SER A 55 -14.80 14.96 21.98
N ASP A 56 -13.53 14.59 21.84
CA ASP A 56 -13.17 13.25 21.38
C ASP A 56 -13.35 12.20 22.47
N GLU A 57 -13.32 12.62 23.73
CA GLU A 57 -13.44 11.70 24.87
C GLU A 57 -14.60 10.70 24.73
N SER A 58 -15.62 11.12 23.97
CA SER A 58 -16.85 10.37 23.84
C SER A 58 -17.40 10.49 22.44
N SER A 59 -18.15 9.48 22.02
CA SER A 59 -19.00 9.55 20.83
C SER A 59 -19.95 10.74 20.79
N GLU A 60 -20.60 10.92 19.64
CA GLU A 60 -21.55 12.05 19.43
C GLU A 60 -23.00 11.76 19.82
N ASP A 61 -23.28 10.60 20.42
CA ASP A 61 -24.60 10.37 21.03
C ASP A 61 -24.69 11.07 22.40
N ARG A 62 -24.56 12.40 22.38
CA ARG A 62 -24.61 13.22 23.60
C ARG A 62 -26.05 13.39 24.08
N PRO A 63 -26.24 13.54 25.40
CA PRO A 63 -27.57 13.82 25.88
C PRO A 63 -27.84 15.30 25.71
N THR A 64 -29.09 15.66 25.43
CA THR A 64 -29.47 17.08 25.27
C THR A 64 -30.61 17.40 26.22
N TRP A 65 -30.31 18.03 27.36
CA TRP A 65 -31.32 18.39 28.37
C TRP A 65 -31.55 19.89 28.41
N SER A 66 -32.79 20.28 28.71
CA SER A 66 -33.21 21.67 28.85
C SER A 66 -33.26 21.96 30.33
N LEU A 67 -32.46 22.90 30.81
CA LEU A 67 -32.27 23.07 32.25
C LEU A 67 -33.58 23.34 32.92
N PRO A 68 -34.37 24.29 32.39
CA PRO A 68 -35.70 24.50 32.99
C PRO A 68 -36.67 23.29 32.96
N ASP A 69 -36.54 22.35 32.02
CA ASP A 69 -37.38 21.10 32.02
C ASP A 69 -36.92 19.98 32.98
N ILE A 70 -35.62 19.68 33.00
CA ILE A 70 -35.09 18.65 33.93
C ILE A 70 -35.05 19.15 35.37
N GLU A 71 -34.87 20.45 35.56
CA GLU A 71 -35.17 21.11 36.83
C GLU A 71 -36.26 20.36 37.63
N ASN A 72 -37.40 20.04 37.00
CA ASN A 72 -38.52 19.37 37.72
C ASN A 72 -38.47 17.83 37.67
N VAL A 73 -37.26 17.27 37.52
CA VAL A 73 -37.03 15.84 37.70
C VAL A 73 -37.28 15.46 39.17
N ALA A 74 -37.80 14.27 39.41
CA ALA A 74 -38.30 13.98 40.76
C ALA A 74 -38.05 12.56 41.26
N ILE A 75 -38.28 12.33 42.57
CA ILE A 75 -37.91 11.05 43.19
C ILE A 75 -39.08 10.07 43.15
N THR A 76 -38.86 8.96 42.44
CA THR A 76 -39.81 7.90 42.21
C THR A 76 -39.34 6.63 42.90
N HIS A 77 -40.21 5.63 42.95
CA HIS A 77 -39.84 4.32 43.46
C HIS A 77 -40.75 3.26 42.85
N LYS A 78 -40.16 2.23 42.24
CA LYS A 78 -40.92 1.18 41.54
C LYS A 78 -41.05 -0.08 42.38
N LYS A 79 -42.28 -0.56 42.49
CA LYS A 79 -42.58 -1.65 43.41
C LYS A 79 -41.90 -2.93 42.97
N PRO A 80 -41.20 -3.60 43.89
CA PRO A 80 -40.68 -4.94 43.60
C PRO A 80 -41.80 -5.93 43.37
N ASN A 81 -41.71 -6.74 42.31
CA ASN A 81 -42.80 -7.68 42.02
C ASN A 81 -42.69 -9.03 42.74
N GLY A 82 -41.56 -9.72 42.68
CA GLY A 82 -41.43 -11.00 43.39
C GLY A 82 -40.16 -11.14 44.23
N LEU A 83 -39.61 -12.36 44.28
CA LEU A 83 -38.40 -12.62 45.08
C LEU A 83 -37.17 -11.91 44.51
N VAL A 84 -36.92 -12.03 43.21
CA VAL A 84 -35.74 -11.44 42.60
C VAL A 84 -35.78 -9.91 42.60
N ASP A 85 -36.93 -9.32 42.33
CA ASP A 85 -37.03 -7.86 42.44
C ASP A 85 -36.67 -7.42 43.85
N THR A 86 -37.11 -8.22 44.82
CA THR A 86 -36.86 -7.89 46.21
C THR A 86 -35.41 -8.11 46.62
N LEU A 87 -34.84 -9.28 46.30
CA LEU A 87 -33.40 -9.48 46.55
C LEU A 87 -32.64 -8.23 46.05
N ALA A 88 -32.96 -7.86 44.82
CA ALA A 88 -32.37 -6.70 44.17
C ALA A 88 -32.53 -5.45 45.01
N TYR A 89 -33.76 -5.19 45.46
CA TYR A 89 -34.02 -3.98 46.21
C TYR A 89 -33.33 -3.96 47.56
N ARG A 90 -33.26 -5.10 48.24
CA ARG A 90 -32.56 -5.21 49.54
C ARG A 90 -31.06 -4.96 49.42
N SER A 91 -30.43 -5.51 48.41
CA SER A 91 -29.04 -5.28 48.24
C SER A 91 -28.70 -3.83 48.01
N VAL A 92 -29.49 -3.11 47.26
CA VAL A 92 -29.22 -1.72 47.06
C VAL A 92 -29.38 -0.93 48.34
N ARG A 93 -30.35 -1.27 49.14
CA ARG A 93 -30.52 -0.69 50.45
C ARG A 93 -29.44 -1.06 51.39
N THR A 94 -29.03 -2.30 51.31
CA THR A 94 -28.00 -2.76 52.16
C THR A 94 -26.74 -1.99 51.88
N CYS A 95 -26.39 -1.86 50.62
CA CYS A 95 -25.26 -1.05 50.21
C CYS A 95 -25.37 0.44 50.46
N ARG A 96 -26.51 1.03 50.30
CA ARG A 96 -26.63 2.44 50.55
C ARG A 96 -26.30 2.70 51.99
N TRP A 97 -26.80 1.84 52.84
CA TRP A 97 -26.61 1.90 54.27
C TRP A 97 -25.22 1.65 54.77
N LEU A 98 -24.53 0.67 54.27
CA LEU A 98 -23.15 0.52 54.60
C LEU A 98 -22.37 1.68 54.10
N PHE A 99 -22.59 2.06 52.87
CA PHE A 99 -21.78 3.07 52.28
C PHE A 99 -21.93 4.37 52.99
N ASP A 100 -23.15 4.68 53.36
CA ASP A 100 -23.45 5.97 53.93
C ASP A 100 -22.81 6.16 55.28
N THR A 101 -22.84 5.09 56.08
CA THR A 101 -22.13 4.99 57.34
C THR A 101 -20.62 4.82 57.39
N PHE A 102 -20.07 3.97 56.57
CA PHE A 102 -18.64 3.83 56.54
C PHE A 102 -18.01 5.08 56.03
N SER A 103 -18.66 5.73 55.10
CA SER A 103 -18.11 6.90 54.45
C SER A 103 -18.42 8.17 55.20
N LEU A 104 -19.03 8.07 56.35
CA LEU A 104 -19.28 9.24 57.20
C LEU A 104 -20.11 10.34 56.54
N TYR A 105 -20.84 10.01 55.47
CA TYR A 105 -21.69 10.98 54.76
C TYR A 105 -22.75 11.54 55.71
N ARG A 106 -23.17 10.72 56.65
CA ARG A 106 -24.25 11.06 57.61
C ARG A 106 -24.03 12.33 58.46
N PHE A 107 -23.13 12.30 59.46
CA PHE A 107 -22.99 13.40 60.41
C PHE A 107 -21.87 14.32 59.97
N GLY A 108 -21.90 15.55 60.47
CA GLY A 108 -21.18 16.68 59.89
C GLY A 108 -22.17 17.43 58.99
N SER A 109 -21.84 18.65 58.60
CA SER A 109 -22.65 19.33 57.58
C SER A 109 -22.30 18.79 56.20
N ILE A 110 -23.24 18.93 55.27
CA ILE A 110 -22.96 18.75 53.85
C ILE A 110 -21.72 19.58 53.49
N THR A 111 -20.87 19.06 52.62
CA THR A 111 -19.78 19.85 52.07
C THR A 111 -19.55 19.54 50.59
N GLU A 112 -18.97 20.54 49.93
CA GLU A 112 -18.52 20.36 48.59
C GLU A 112 -17.62 19.14 48.60
N SER A 113 -16.59 19.13 49.45
CA SER A 113 -15.59 18.05 49.42
C SER A 113 -16.25 16.71 49.46
N LYS A 114 -17.17 16.53 50.40
CA LYS A 114 -17.66 15.21 50.67
C LYS A 114 -18.70 14.77 49.65
N VAL A 115 -19.38 15.72 49.02
CA VAL A 115 -20.19 15.40 47.84
C VAL A 115 -19.34 14.82 46.67
N ILE A 116 -18.39 15.59 46.16
CA ILE A 116 -17.67 15.19 44.96
C ILE A 116 -16.82 13.92 45.21
N SER A 117 -16.30 13.79 46.42
CA SER A 117 -15.54 12.58 46.73
C SER A 117 -16.45 11.37 46.62
N ARG A 118 -17.67 11.53 47.11
CA ARG A 118 -18.69 10.50 47.02
C ARG A 118 -19.03 10.17 45.57
N CYS A 119 -19.49 11.16 44.83
CA CYS A 119 -19.85 10.98 43.42
C CYS A 119 -18.68 10.36 42.61
N LEU A 120 -17.48 10.91 42.75
CA LEU A 120 -16.27 10.29 42.18
C LEU A 120 -16.17 8.75 42.41
N PHE A 121 -16.23 8.29 43.67
CA PHE A 121 -16.01 6.87 43.96
C PHE A 121 -17.11 5.98 43.40
N LEU A 122 -18.34 6.42 43.63
CA LEU A 122 -19.50 5.70 43.16
C LEU A 122 -19.60 5.72 41.66
N GLU A 123 -19.29 6.83 41.01
CA GLU A 123 -19.33 6.84 39.55
C GLU A 123 -18.38 5.81 38.95
N THR A 124 -17.29 5.43 39.62
CA THR A 124 -16.47 4.35 39.03
C THR A 124 -17.20 3.01 38.86
N VAL A 125 -18.28 2.79 39.60
CA VAL A 125 -18.95 1.47 39.62
C VAL A 125 -20.29 1.54 38.90
N ALA A 126 -20.76 2.74 38.58
CA ALA A 126 -21.93 2.95 37.72
C ALA A 126 -21.60 2.69 36.23
N GLY A 127 -20.32 2.85 35.90
CA GLY A 127 -19.86 2.53 34.57
C GLY A 127 -19.82 1.07 34.20
N VAL A 128 -19.94 0.14 35.16
CA VAL A 128 -19.69 -1.26 34.85
C VAL A 128 -20.85 -2.02 34.23
N PRO A 129 -22.04 -1.91 34.84
CA PRO A 129 -23.26 -2.57 34.43
C PRO A 129 -23.52 -2.53 32.93
N GLY A 130 -23.63 -1.35 32.35
CA GLY A 130 -23.98 -1.25 30.94
C GLY A 130 -22.96 -1.86 30.02
N MET A 131 -21.72 -2.06 30.51
CA MET A 131 -20.68 -2.71 29.71
C MET A 131 -20.76 -4.22 29.81
N VAL A 132 -21.25 -4.80 30.93
CA VAL A 132 -21.48 -6.24 31.01
C VAL A 132 -22.74 -6.68 30.24
N GLY A 133 -23.81 -5.89 30.29
CA GLY A 133 -25.06 -6.19 29.57
C GLY A 133 -24.83 -6.09 28.08
N GLY A 134 -24.52 -4.88 27.61
CA GLY A 134 -24.04 -4.70 26.23
C GLY A 134 -23.09 -5.82 25.77
N MET A 135 -22.05 -6.07 26.54
CA MET A 135 -21.03 -7.03 26.12
C MET A 135 -21.55 -8.46 26.02
N LEU A 136 -22.45 -8.88 26.92
CA LEU A 136 -23.01 -10.25 26.91
C LEU A 136 -24.13 -10.37 25.85
N ARG A 137 -25.00 -9.35 25.75
CA ARG A 137 -26.04 -9.38 24.70
C ARG A 137 -25.45 -9.35 23.29
N HIS A 138 -24.30 -8.67 23.16
CA HIS A 138 -23.48 -8.73 21.96
C HIS A 138 -23.01 -10.13 21.69
N LEU A 139 -22.46 -10.78 22.70
CA LEU A 139 -21.98 -12.14 22.47
C LEU A 139 -23.11 -13.06 22.12
N SER A 140 -24.32 -12.82 22.67
CA SER A 140 -25.46 -13.70 22.39
C SER A 140 -25.99 -13.53 20.99
N SER A 141 -26.24 -12.28 20.63
CA SER A 141 -26.43 -11.96 19.23
C SER A 141 -25.42 -12.71 18.32
N LEU A 142 -24.16 -12.84 18.75
CA LEU A 142 -23.13 -13.45 17.90
C LEU A 142 -23.16 -14.99 17.83
N ARG A 143 -23.74 -15.68 18.81
CA ARG A 143 -23.67 -17.15 18.79
C ARG A 143 -24.92 -17.88 18.37
N TYR A 144 -26.07 -17.25 18.56
CA TYR A 144 -27.31 -17.77 17.98
C TYR A 144 -27.69 -16.88 16.77
N MET A 145 -26.81 -15.97 16.37
CA MET A 145 -26.89 -15.26 15.10
C MET A 145 -28.25 -14.59 14.90
N THR A 146 -28.71 -13.89 15.94
CA THR A 146 -30.00 -13.25 15.99
C THR A 146 -29.82 -11.76 16.13
N ARG A 147 -30.92 -11.03 15.89
CA ARG A 147 -30.95 -9.56 15.87
C ARG A 147 -31.25 -9.00 17.24
N ASP A 148 -30.42 -8.07 17.71
CA ASP A 148 -30.54 -7.53 19.07
C ASP A 148 -31.70 -6.55 19.24
N LYS A 149 -32.01 -5.79 18.20
CA LYS A 149 -33.10 -4.81 18.20
C LYS A 149 -32.83 -3.66 19.14
N GLY A 150 -31.62 -3.10 19.06
CA GLY A 150 -31.32 -1.82 19.67
C GLY A 150 -30.93 -1.84 21.14
N TRP A 151 -30.87 -3.00 21.77
CA TRP A 151 -30.48 -3.08 23.19
C TRP A 151 -29.01 -2.73 23.45
N ILE A 152 -28.12 -3.26 22.61
CA ILE A 152 -26.67 -3.09 22.88
C ILE A 152 -26.19 -1.64 22.88
N ASN A 153 -26.64 -0.86 21.89
CA ASN A 153 -26.20 0.53 21.75
C ASN A 153 -26.77 1.48 22.80
N THR A 154 -27.78 1.03 23.56
CA THR A 154 -28.37 1.79 24.68
C THR A 154 -27.53 1.70 25.95
N LEU A 155 -26.99 0.51 26.18
CA LEU A 155 -26.33 0.16 27.42
C LEU A 155 -24.91 0.70 27.41
N LEU A 156 -24.27 0.55 26.26
CA LEU A 156 -22.94 1.11 26.05
C LEU A 156 -22.92 2.63 26.02
N VAL A 157 -24.00 3.31 25.62
CA VAL A 157 -24.00 4.79 25.77
C VAL A 157 -24.20 5.21 27.20
N GLU A 158 -24.82 4.33 28.00
CA GLU A 158 -25.01 4.51 29.45
C GLU A 158 -23.66 4.36 30.09
N ALA A 159 -23.08 3.16 29.97
CA ALA A 159 -21.68 2.92 30.39
C ALA A 159 -20.83 4.16 30.09
N GLU A 160 -20.89 4.64 28.85
CA GLU A 160 -20.08 5.80 28.43
C GLU A 160 -20.44 7.06 29.17
N ASN A 161 -21.75 7.31 29.23
CA ASN A 161 -22.33 8.46 29.87
C ASN A 161 -22.03 8.51 31.37
N GLU A 162 -21.91 7.33 31.99
CA GLU A 162 -21.45 7.24 33.39
C GLU A 162 -19.92 7.36 33.50
N ARG A 163 -19.22 6.89 32.49
CA ARG A 163 -17.79 7.08 32.49
C ARG A 163 -17.54 8.58 32.39
N MET A 164 -18.32 9.31 31.58
CA MET A 164 -18.17 10.77 31.53
C MET A 164 -18.58 11.49 32.85
N HIS A 165 -19.33 10.81 33.71
CA HIS A 165 -19.60 11.31 35.05
C HIS A 165 -18.36 11.23 35.94
N LEU A 166 -17.63 10.12 35.84
CA LEU A 166 -16.31 10.02 36.43
C LEU A 166 -15.42 11.12 35.91
N MET A 167 -15.37 11.29 34.58
CA MET A 167 -14.33 12.16 33.95
C MET A 167 -14.48 13.61 34.41
N THR A 168 -15.73 14.01 34.67
CA THR A 168 -16.07 15.35 35.12
C THR A 168 -15.64 15.59 36.57
N PHE A 169 -16.02 14.68 37.44
CA PHE A 169 -15.65 14.79 38.85
C PHE A 169 -14.13 14.67 39.10
N ILE A 170 -13.44 13.91 38.26
CA ILE A 170 -11.98 13.89 38.33
C ILE A 170 -11.37 15.22 37.83
N GLU A 171 -12.12 16.06 37.12
CA GLU A 171 -11.65 17.45 36.95
C GLU A 171 -11.82 18.25 38.25
N LEU A 172 -12.75 17.83 39.12
CA LEU A 172 -13.13 18.60 40.31
C LEU A 172 -12.38 18.19 41.58
N ARG A 173 -12.20 16.91 41.80
CA ARG A 173 -11.39 16.43 42.93
C ARG A 173 -10.52 15.28 42.44
N GLN A 174 -9.21 15.38 42.62
CA GLN A 174 -8.26 14.32 42.17
C GLN A 174 -7.81 13.62 43.43
N PRO A 175 -8.22 12.36 43.60
CA PRO A 175 -8.10 11.71 44.90
C PRO A 175 -6.67 11.19 45.18
N GLY A 176 -6.47 10.57 46.34
CA GLY A 176 -5.17 10.11 46.77
C GLY A 176 -5.16 8.62 46.98
N LEU A 177 -3.99 8.07 47.28
CA LEU A 177 -3.68 6.64 47.14
C LEU A 177 -4.59 5.62 47.85
N PRO A 178 -5.10 5.96 49.03
CA PRO A 178 -6.04 5.01 49.64
C PRO A 178 -7.34 4.89 48.83
N LEU A 179 -7.98 6.00 48.50
CA LEU A 179 -9.24 5.99 47.72
C LEU A 179 -9.06 5.31 46.34
N ARG A 180 -7.84 5.30 45.83
CA ARG A 180 -7.57 4.80 44.49
C ARG A 180 -7.44 3.30 44.56
N VAL A 181 -6.75 2.81 45.58
CA VAL A 181 -6.57 1.38 45.75
C VAL A 181 -7.89 0.72 45.99
N SER A 182 -8.79 1.37 46.71
CA SER A 182 -10.10 0.77 47.01
C SER A 182 -11.11 0.83 45.84
N ILE A 183 -10.90 1.78 44.95
CA ILE A 183 -11.61 1.85 43.65
C ILE A 183 -11.29 0.63 42.78
N ILE A 184 -10.03 0.18 42.82
CA ILE A 184 -9.53 -0.96 42.04
C ILE A 184 -10.07 -2.27 42.56
N ILE A 185 -10.12 -2.41 43.89
CA ILE A 185 -10.70 -3.61 44.46
C ILE A 185 -12.19 -3.57 44.28
N THR A 186 -12.79 -2.39 44.22
CA THR A 186 -14.28 -2.34 44.05
C THR A 186 -14.62 -2.90 42.69
N GLN A 187 -13.83 -2.53 41.68
CA GLN A 187 -14.12 -2.93 40.33
C GLN A 187 -13.93 -4.41 40.16
N ALA A 188 -12.89 -4.95 40.79
CA ALA A 188 -12.62 -6.39 40.74
C ALA A 188 -13.84 -7.09 41.25
N ILE A 189 -14.30 -6.68 42.44
CA ILE A 189 -15.46 -7.34 43.07
C ILE A 189 -16.73 -7.16 42.22
N MET A 190 -17.01 -5.93 41.82
CA MET A 190 -18.28 -5.60 41.19
C MET A 190 -18.35 -6.07 39.75
N TYR A 191 -17.21 -6.09 39.07
CA TYR A 191 -17.14 -6.76 37.76
C TYR A 191 -17.52 -8.22 37.90
N LEU A 192 -17.10 -8.86 38.98
CA LEU A 192 -17.33 -10.29 39.09
C LEU A 192 -18.79 -10.54 39.44
N PHE A 193 -19.37 -9.67 40.24
CA PHE A 193 -20.74 -9.88 40.67
C PHE A 193 -21.73 -9.59 39.53
N LEU A 194 -21.57 -8.39 38.96
CA LEU A 194 -22.38 -7.98 37.82
C LEU A 194 -22.30 -8.98 36.71
N LEU A 195 -21.10 -9.46 36.44
CA LEU A 195 -20.90 -10.34 35.28
C LEU A 195 -21.70 -11.62 35.54
N VAL A 196 -21.36 -12.36 36.62
CA VAL A 196 -22.07 -13.59 36.94
C VAL A 196 -23.55 -13.41 37.37
N ALA A 197 -23.94 -12.26 37.91
CA ALA A 197 -25.40 -11.97 38.09
C ALA A 197 -26.18 -11.86 36.79
N TYR A 198 -25.60 -11.20 35.77
CA TYR A 198 -26.26 -10.98 34.44
C TYR A 198 -26.39 -12.31 33.68
N VAL A 199 -25.36 -13.14 33.69
CA VAL A 199 -25.44 -14.44 33.04
C VAL A 199 -26.61 -15.28 33.57
N ILE A 200 -26.84 -15.27 34.91
CA ILE A 200 -27.90 -16.07 35.57
C ILE A 200 -29.27 -15.33 35.68
N SER A 201 -29.27 -14.02 35.97
CA SER A 201 -30.52 -13.26 35.93
C SER A 201 -30.35 -11.84 35.43
N PRO A 202 -30.41 -11.65 34.10
CA PRO A 202 -30.20 -10.29 33.67
C PRO A 202 -31.37 -9.39 34.08
N ARG A 203 -32.44 -9.99 34.55
CA ARG A 203 -33.49 -9.21 35.15
C ARG A 203 -32.97 -8.68 36.48
N PHE A 204 -32.30 -9.55 37.26
CA PHE A 204 -31.76 -9.13 38.54
C PHE A 204 -30.91 -7.92 38.26
N VAL A 205 -29.94 -8.00 37.34
CA VAL A 205 -29.01 -6.86 37.22
C VAL A 205 -29.74 -5.64 36.71
N HIS A 206 -30.71 -5.83 35.82
CA HIS A 206 -31.46 -4.67 35.33
C HIS A 206 -32.32 -4.07 36.41
N ARG A 207 -32.90 -4.89 37.25
CA ARG A 207 -33.66 -4.42 38.42
C ARG A 207 -32.74 -3.62 39.34
N PHE A 208 -31.56 -4.18 39.60
CA PHE A 208 -30.54 -3.64 40.50
C PHE A 208 -30.07 -2.22 40.15
N VAL A 209 -29.81 -1.95 38.87
CA VAL A 209 -29.52 -0.57 38.38
C VAL A 209 -30.80 0.33 38.43
N GLY A 210 -31.94 -0.23 38.09
CA GLY A 210 -33.17 0.46 38.39
C GLY A 210 -32.98 1.16 39.73
N TYR A 211 -32.81 0.36 40.79
CA TYR A 211 -32.87 0.83 42.19
C TYR A 211 -31.61 1.66 42.56
N LEU A 212 -30.45 1.14 42.16
CA LEU A 212 -29.25 1.93 42.18
C LEU A 212 -29.53 3.40 41.79
N GLU A 213 -30.05 3.61 40.57
CA GLU A 213 -30.38 4.99 40.11
C GLU A 213 -31.49 5.72 40.92
N GLU A 214 -32.42 4.97 41.52
CA GLU A 214 -33.41 5.55 42.44
C GLU A 214 -32.70 6.28 43.59
N GLU A 215 -31.58 5.71 44.03
CA GLU A 215 -30.70 6.32 45.05
C GLU A 215 -29.81 7.42 44.49
N ALA A 216 -29.37 7.24 43.26
CA ALA A 216 -28.58 8.29 42.59
C ALA A 216 -29.40 9.56 42.42
N VAL A 217 -30.69 9.40 42.10
CA VAL A 217 -31.56 10.55 41.89
C VAL A 217 -31.76 11.27 43.23
N ILE A 218 -31.95 10.50 44.29
CA ILE A 218 -32.17 11.06 45.62
C ILE A 218 -30.94 11.89 45.97
N THR A 219 -29.79 11.23 46.05
CA THR A 219 -28.59 11.92 46.45
C THR A 219 -28.38 13.24 45.72
N TYR A 220 -28.68 13.30 44.43
CA TYR A 220 -28.39 14.53 43.69
C TYR A 220 -29.43 15.63 43.88
N THR A 221 -30.72 15.31 44.01
CA THR A 221 -31.69 16.39 44.29
C THR A 221 -31.40 16.97 45.70
N GLY A 222 -30.95 16.11 46.63
CA GLY A 222 -30.39 16.56 47.91
C GLY A 222 -29.33 17.64 47.75
N VAL A 223 -28.33 17.40 46.90
CA VAL A 223 -27.25 18.38 46.64
C VAL A 223 -27.75 19.71 46.01
N MET A 224 -28.80 19.64 45.18
CA MET A 224 -29.39 20.84 44.57
C MET A 224 -30.24 21.62 45.57
N ARG A 225 -31.03 20.88 46.34
CA ARG A 225 -31.85 21.44 47.41
C ARG A 225 -30.95 22.19 48.39
N ALA A 226 -29.84 21.54 48.77
CA ALA A 226 -28.86 22.10 49.70
C ALA A 226 -28.16 23.34 49.18
N ILE A 227 -27.94 23.42 47.87
CA ILE A 227 -27.48 24.66 47.24
C ILE A 227 -28.57 25.73 47.30
N ASP A 228 -29.79 25.36 46.97
CA ASP A 228 -30.92 26.30 46.96
C ASP A 228 -31.29 26.87 48.35
N GLU A 229 -30.95 26.14 49.39
CA GLU A 229 -31.16 26.62 50.77
C GLU A 229 -29.84 27.05 51.39
N GLY A 230 -28.85 27.34 50.53
CA GLY A 230 -27.58 27.94 50.93
C GLY A 230 -26.74 27.21 51.97
N ARG A 231 -26.99 25.90 52.16
CA ARG A 231 -26.26 25.08 53.17
C ARG A 231 -24.95 24.49 52.62
N LEU A 232 -24.83 24.58 51.30
CA LEU A 232 -23.70 24.10 50.55
C LEU A 232 -23.64 25.03 49.36
N ARG A 233 -23.11 26.25 49.55
CA ARG A 233 -23.01 27.28 48.46
C ARG A 233 -21.74 27.10 47.62
N PRO A 234 -21.86 26.57 46.37
CA PRO A 234 -20.78 25.93 45.55
C PRO A 234 -19.52 26.76 45.17
N THR A 235 -18.32 26.19 45.33
CA THR A 235 -17.06 26.92 45.01
C THR A 235 -16.45 26.59 43.62
N LYS A 236 -16.87 25.49 43.02
CA LYS A 236 -16.34 25.05 41.73
C LYS A 236 -17.34 25.38 40.63
N ASN A 237 -17.34 26.64 40.16
CA ASN A 237 -18.33 27.06 39.14
C ASN A 237 -17.69 27.24 37.74
N ASP A 238 -16.36 27.19 37.69
CA ASP A 238 -15.62 27.00 36.44
C ASP A 238 -15.89 25.56 36.01
N VAL A 239 -17.08 25.32 35.45
CA VAL A 239 -17.50 23.98 35.06
C VAL A 239 -16.47 23.51 34.05
N PRO A 240 -15.97 22.27 34.20
CA PRO A 240 -14.91 21.77 33.33
C PRO A 240 -15.30 21.79 31.86
N GLU A 241 -14.30 21.87 30.98
CA GLU A 241 -14.54 21.86 29.56
C GLU A 241 -15.16 20.52 29.19
N VAL A 242 -14.69 19.41 29.75
CA VAL A 242 -15.31 18.12 29.41
C VAL A 242 -16.82 18.10 29.55
N ALA A 243 -17.33 18.81 30.54
CA ALA A 243 -18.75 18.77 30.87
C ALA A 243 -19.52 19.75 30.03
N ARG A 244 -18.87 20.86 29.69
CA ARG A 244 -19.47 21.89 28.83
C ARG A 244 -19.76 21.36 27.42
N VAL A 245 -18.83 20.61 26.87
CA VAL A 245 -18.97 20.09 25.51
C VAL A 245 -20.05 19.03 25.57
N TYR A 246 -19.84 18.01 26.41
CA TYR A 246 -20.76 16.88 26.51
C TYR A 246 -22.24 17.22 26.78
N TRP A 247 -22.53 18.22 27.62
CA TRP A 247 -23.91 18.64 27.92
C TRP A 247 -24.21 19.99 27.27
N ASN A 248 -23.32 20.44 26.39
CA ASN A 248 -23.57 21.63 25.59
C ASN A 248 -24.07 22.77 26.46
N LEU A 249 -23.23 23.09 27.46
CA LEU A 249 -23.57 24.08 28.47
C LEU A 249 -22.86 25.40 28.17
N SER A 250 -23.63 26.49 28.13
CA SER A 250 -23.06 27.83 27.95
C SER A 250 -22.08 28.15 29.08
N LYS A 251 -21.14 29.06 28.83
CA LYS A 251 -20.06 29.31 29.77
C LYS A 251 -20.57 29.70 31.15
N ASN A 252 -21.73 30.33 31.21
CA ASN A 252 -22.24 30.88 32.47
C ASN A 252 -23.03 29.87 33.33
N ALA A 253 -22.70 28.58 33.19
CA ALA A 253 -23.35 27.48 33.91
C ALA A 253 -22.60 27.19 35.19
N THR A 254 -23.35 26.86 36.26
CA THR A 254 -22.85 26.71 37.63
C THR A 254 -22.72 25.26 38.00
N PHE A 255 -22.29 24.99 39.24
CA PHE A 255 -22.13 23.62 39.71
C PHE A 255 -23.52 23.00 39.81
N ARG A 256 -24.50 23.82 40.18
CA ARG A 256 -25.87 23.34 40.36
C ARG A 256 -26.49 22.89 39.01
N ASP A 257 -26.09 23.60 37.94
CA ASP A 257 -26.58 23.32 36.58
C ASP A 257 -25.90 22.05 36.04
N LEU A 258 -24.59 21.91 36.31
CA LEU A 258 -23.87 20.64 36.04
C LEU A 258 -24.48 19.47 36.82
N ILE A 259 -24.78 19.67 38.10
CA ILE A 259 -25.31 18.58 38.92
C ILE A 259 -26.65 18.16 38.32
N ASN A 260 -27.60 19.08 38.18
CA ASN A 260 -28.93 18.72 37.65
C ASN A 260 -28.88 17.79 36.46
N VAL A 261 -28.19 18.22 35.40
CA VAL A 261 -28.04 17.38 34.20
C VAL A 261 -27.49 15.98 34.54
N ILE A 262 -26.39 15.85 35.30
CA ILE A 262 -26.00 14.52 35.84
C ILE A 262 -27.19 13.78 36.54
N ARG A 263 -28.08 14.50 37.21
CA ARG A 263 -29.22 13.86 37.87
C ARG A 263 -30.29 13.46 36.86
N ALA A 264 -30.36 14.20 35.74
CA ALA A 264 -31.35 13.93 34.68
C ALA A 264 -31.02 12.65 33.95
N ASP A 265 -29.76 12.54 33.51
CA ASP A 265 -29.14 11.26 33.08
C ASP A 265 -29.51 10.03 33.96
N GLU A 266 -29.66 10.22 35.27
CA GLU A 266 -29.82 9.04 36.15
C GLU A 266 -31.28 8.66 36.22
N ALA A 267 -32.13 9.65 36.02
CA ALA A 267 -33.55 9.36 35.93
C ALA A 267 -33.83 8.53 34.67
N GLU A 268 -33.12 8.79 33.58
CA GLU A 268 -33.27 8.00 32.35
C GLU A 268 -32.89 6.56 32.56
N HIS A 269 -31.71 6.37 33.15
CA HIS A 269 -31.17 5.05 33.38
C HIS A 269 -32.07 4.26 34.29
N ARG A 270 -32.52 4.94 35.36
CA ARG A 270 -33.59 4.43 36.24
C ARG A 270 -34.76 3.80 35.43
N VAL A 271 -35.30 4.54 34.45
CA VAL A 271 -36.47 4.05 33.68
C VAL A 271 -36.09 2.96 32.70
N VAL A 272 -34.89 3.12 32.12
CA VAL A 272 -34.38 2.19 31.13
C VAL A 272 -34.15 0.80 31.74
N ASN A 273 -33.44 0.73 32.87
CA ASN A 273 -33.12 -0.56 33.53
C ASN A 273 -34.39 -1.09 34.22
N HIS A 274 -35.35 -0.25 34.56
CA HIS A 274 -36.64 -0.77 35.10
C HIS A 274 -37.53 -1.27 33.96
N THR A 275 -37.51 -0.56 32.83
CA THR A 275 -38.20 -1.05 31.64
C THR A 275 -37.58 -2.34 31.13
N PHE A 276 -36.25 -2.44 31.19
CA PHE A 276 -35.54 -3.61 30.70
C PHE A 276 -35.78 -4.85 31.61
N ALA A 277 -35.72 -4.65 32.91
CA ALA A 277 -36.06 -5.68 33.86
C ALA A 277 -37.48 -6.18 33.62
N ASP A 278 -38.42 -5.25 33.51
CA ASP A 278 -39.82 -5.61 33.30
C ASP A 278 -39.90 -6.50 32.10
N MET A 279 -39.30 -6.03 31.00
CA MET A 279 -39.39 -6.72 29.73
C MET A 279 -38.98 -8.17 29.85
N HIS A 280 -37.93 -8.42 30.62
CA HIS A 280 -37.48 -9.78 30.89
C HIS A 280 -38.55 -10.53 31.66
N GLU A 281 -39.01 -9.98 32.76
CA GLU A 281 -40.14 -10.56 33.55
C GLU A 281 -41.25 -11.13 32.67
N LYS A 282 -41.63 -10.41 31.62
CA LYS A 282 -42.63 -10.85 30.62
C LYS A 282 -42.07 -11.69 29.43
N ARG A 283 -40.79 -12.06 29.48
CA ARG A 283 -40.19 -12.85 28.42
C ARG A 283 -40.10 -12.09 27.08
N LEU A 284 -39.99 -10.77 27.17
CA LEU A 284 -39.74 -9.88 26.03
C LEU A 284 -38.22 -9.49 25.81
N GLN A 285 -37.26 -10.27 26.33
CA GLN A 285 -35.80 -10.04 26.11
C GLN A 285 -35.39 -9.83 24.64
N ASN A 286 -35.94 -10.69 23.79
CA ASN A 286 -35.69 -10.77 22.38
C ASN A 286 -36.66 -9.91 21.54
N SER A 287 -37.15 -8.83 22.14
CA SER A 287 -38.02 -7.87 21.48
C SER A 287 -37.38 -6.47 21.42
N VAL A 288 -37.86 -5.68 20.48
CA VAL A 288 -37.42 -4.32 20.29
C VAL A 288 -37.19 -3.50 21.57
N ASN A 289 -36.10 -2.75 21.57
CA ASN A 289 -35.77 -1.87 22.67
C ASN A 289 -36.60 -0.59 22.58
N PRO A 290 -37.58 -0.46 23.48
CA PRO A 290 -38.55 0.62 23.30
C PRO A 290 -37.95 2.02 23.15
N PHE A 291 -36.78 2.27 23.71
CA PHE A 291 -36.20 3.62 23.66
C PHE A 291 -35.59 4.00 22.32
N VAL A 292 -35.63 3.10 21.35
CA VAL A 292 -35.13 3.40 20.00
C VAL A 292 -35.95 4.51 19.33
N VAL A 293 -37.23 4.59 19.66
CA VAL A 293 -38.14 5.54 19.01
C VAL A 293 -37.75 7.00 19.29
N LEU A 294 -37.61 7.35 20.55
CA LEU A 294 -37.01 8.64 20.89
C LEU A 294 -35.59 8.60 20.35
N LYS A 295 -35.35 9.24 19.20
CA LYS A 295 -34.00 9.35 18.62
C LYS A 295 -33.90 10.25 17.37
N VAL B 32 -39.42 16.24 22.77
CA VAL B 32 -40.01 15.83 24.07
C VAL B 32 -39.43 14.49 24.54
N TRP B 33 -38.22 14.60 25.11
CA TRP B 33 -37.69 13.66 26.07
C TRP B 33 -37.28 14.56 27.24
N GLY B 34 -38.19 14.70 28.21
CA GLY B 34 -37.98 15.60 29.34
C GLY B 34 -38.39 14.96 30.65
N HIS B 35 -38.59 15.79 31.68
CA HIS B 35 -38.78 15.29 33.01
C HIS B 35 -39.89 14.28 33.12
N THR B 36 -41.02 14.57 32.47
CA THR B 36 -42.23 13.76 32.61
C THR B 36 -41.97 12.32 32.17
N GLN B 37 -41.21 12.15 31.10
CA GLN B 37 -40.78 10.81 30.65
C GLN B 37 -39.73 10.21 31.58
N LEU B 38 -38.84 11.04 32.11
CA LEU B 38 -37.80 10.57 33.04
C LEU B 38 -38.40 10.21 34.38
N ASN B 39 -39.52 10.87 34.71
CA ASN B 39 -40.27 10.60 35.94
C ASN B 39 -41.32 9.51 35.80
N ARG B 40 -41.44 8.87 34.63
CA ARG B 40 -42.24 7.64 34.61
C ARG B 40 -41.39 6.43 34.92
N LEU B 41 -42.05 5.43 35.45
CA LEU B 41 -41.43 4.31 36.16
C LEU B 41 -41.03 3.26 35.17
N SER B 42 -41.92 2.97 34.23
CA SER B 42 -41.65 1.92 33.26
C SER B 42 -42.30 2.22 31.90
N PHE B 43 -41.62 1.85 30.81
CA PHE B 43 -42.20 1.97 29.47
C PHE B 43 -42.51 0.63 28.85
N LEU B 44 -42.83 -0.37 29.68
CA LEU B 44 -43.27 -1.70 29.20
C LEU B 44 -44.56 -1.65 28.31
N GLU B 45 -45.53 -0.79 28.67
CA GLU B 45 -46.81 -0.69 27.89
C GLU B 45 -46.58 -0.25 26.45
N THR B 46 -45.39 0.27 26.19
CA THR B 46 -45.05 0.77 24.87
C THR B 46 -44.47 -0.30 23.97
N VAL B 47 -44.10 -1.45 24.51
CA VAL B 47 -43.45 -2.47 23.71
C VAL B 47 -44.31 -2.98 22.51
N PRO B 48 -45.56 -3.34 22.76
CA PRO B 48 -46.37 -3.78 21.60
C PRO B 48 -46.68 -2.70 20.54
N VAL B 49 -46.36 -1.43 20.80
CA VAL B 49 -46.63 -0.35 19.83
C VAL B 49 -45.38 0.15 19.11
N VAL B 50 -44.22 -0.42 19.43
CA VAL B 50 -43.00 0.03 18.76
C VAL B 50 -42.66 -1.03 17.72
N PRO B 51 -42.43 -0.58 16.48
CA PRO B 51 -42.25 -1.48 15.37
C PRO B 51 -40.77 -1.85 15.18
N LEU B 52 -40.53 -2.99 14.53
CA LEU B 52 -39.20 -3.51 14.27
C LEU B 52 -38.61 -2.78 13.06
N ARG B 53 -37.51 -2.09 13.26
CA ARG B 53 -36.89 -1.37 12.15
C ARG B 53 -35.45 -1.73 12.01
N VAL B 54 -35.06 -1.99 10.79
CA VAL B 54 -33.69 -2.40 10.47
C VAL B 54 -32.66 -1.35 10.89
N SER B 55 -33.07 -0.08 10.88
CA SER B 55 -32.17 1.02 11.23
C SER B 55 -31.77 1.05 12.70
N ASP B 56 -32.51 0.36 13.56
CA ASP B 56 -32.15 0.31 14.97
C ASP B 56 -31.29 -0.92 15.35
N GLU B 57 -30.93 -1.75 14.36
CA GLU B 57 -30.22 -2.99 14.69
C GLU B 57 -28.78 -2.66 15.01
N SER B 58 -28.34 -1.48 14.58
CA SER B 58 -27.04 -0.91 14.93
C SER B 58 -27.19 0.48 15.54
N SER B 59 -26.05 1.05 15.95
CA SER B 59 -25.92 2.49 16.28
C SER B 59 -26.08 3.38 15.04
N GLU B 60 -25.86 4.70 15.19
CA GLU B 60 -25.90 5.66 14.05
C GLU B 60 -24.52 5.93 13.44
N ASP B 61 -23.52 5.14 13.83
CA ASP B 61 -22.16 5.26 13.30
C ASP B 61 -21.95 4.16 12.24
N ARG B 62 -22.25 4.51 10.99
CA ARG B 62 -22.33 3.61 9.83
C ARG B 62 -21.19 3.86 8.85
N PRO B 63 -20.73 2.81 8.16
CA PRO B 63 -19.76 3.12 7.10
C PRO B 63 -20.36 4.02 6.00
N THR B 64 -19.61 5.01 5.55
CA THR B 64 -20.01 5.89 4.46
C THR B 64 -18.98 5.80 3.33
N TRP B 65 -19.03 4.69 2.59
CA TRP B 65 -18.16 4.40 1.46
C TRP B 65 -18.84 4.81 0.14
N SER B 66 -18.01 5.06 -0.88
CA SER B 66 -18.40 5.28 -2.27
C SER B 66 -17.74 4.15 -3.07
N LEU B 67 -18.56 3.30 -3.69
CA LEU B 67 -18.12 2.05 -4.36
C LEU B 67 -16.88 2.19 -5.27
N PRO B 68 -16.93 3.09 -6.27
CA PRO B 68 -15.76 3.19 -7.15
C PRO B 68 -14.45 3.58 -6.43
N ASP B 69 -14.53 4.29 -5.31
CA ASP B 69 -13.33 4.57 -4.55
C ASP B 69 -12.79 3.28 -3.99
N ILE B 70 -13.63 2.59 -3.20
CA ILE B 70 -13.23 1.37 -2.49
C ILE B 70 -12.95 0.16 -3.39
N GLU B 71 -13.18 0.28 -4.71
CA GLU B 71 -12.73 -0.79 -5.62
C GLU B 71 -11.18 -1.04 -5.60
N ASN B 72 -10.38 -0.05 -5.20
CA ASN B 72 -8.91 -0.25 -5.14
C ASN B 72 -8.33 -0.43 -3.73
N VAL B 73 -9.14 -0.93 -2.80
CA VAL B 73 -8.63 -1.49 -1.55
C VAL B 73 -7.59 -2.52 -2.00
N ALA B 74 -6.62 -2.87 -1.14
CA ALA B 74 -5.69 -3.88 -1.58
C ALA B 74 -5.01 -4.65 -0.47
N ILE B 75 -4.59 -5.86 -0.82
CA ILE B 75 -3.88 -6.76 0.06
C ILE B 75 -2.51 -6.15 0.39
N THR B 76 -2.24 -6.06 1.70
CA THR B 76 -0.99 -5.58 2.22
C THR B 76 -0.54 -6.59 3.26
N HIS B 77 0.69 -6.45 3.71
CA HIS B 77 1.23 -7.33 4.71
C HIS B 77 2.19 -6.49 5.53
N LYS B 78 1.97 -6.41 6.85
CA LYS B 78 2.88 -5.65 7.73
C LYS B 78 4.00 -6.57 8.18
N LYS B 79 5.20 -6.00 8.31
CA LYS B 79 6.38 -6.77 8.68
C LYS B 79 6.25 -7.09 10.14
N PRO B 80 6.48 -8.38 10.51
CA PRO B 80 6.57 -8.71 11.93
C PRO B 80 7.68 -7.88 12.52
N ASN B 81 7.37 -6.99 13.46
CA ASN B 81 8.40 -6.12 13.98
C ASN B 81 9.24 -6.72 15.13
N GLY B 82 8.87 -7.93 15.60
CA GLY B 82 9.47 -8.53 16.78
C GLY B 82 8.66 -9.68 17.40
N LEU B 83 9.26 -10.37 18.37
CA LEU B 83 8.75 -11.68 18.79
C LEU B 83 7.25 -11.80 18.99
N VAL B 84 6.61 -10.73 19.45
CA VAL B 84 5.17 -10.71 19.67
C VAL B 84 4.42 -10.75 18.34
N ASP B 85 4.86 -9.94 17.37
CA ASP B 85 4.19 -9.88 16.06
C ASP B 85 4.36 -11.21 15.35
N THR B 86 5.58 -11.66 15.29
CA THR B 86 5.89 -12.99 14.75
C THR B 86 4.99 -14.10 15.36
N LEU B 87 4.60 -13.98 16.63
CA LEU B 87 3.75 -14.97 17.25
C LEU B 87 2.27 -14.73 16.87
N ALA B 88 1.87 -13.46 16.80
CA ALA B 88 0.53 -13.12 16.33
C ALA B 88 0.33 -13.54 14.88
N TYR B 89 1.34 -13.32 14.05
CA TYR B 89 1.27 -13.72 12.64
C TYR B 89 1.25 -15.24 12.46
N ARG B 90 2.15 -15.96 13.14
CA ARG B 90 2.19 -17.43 13.03
C ARG B 90 1.01 -18.14 13.66
N SER B 91 0.33 -17.53 14.63
CA SER B 91 -0.96 -18.09 15.09
C SER B 91 -2.00 -18.09 13.97
N VAL B 92 -2.20 -16.92 13.35
CA VAL B 92 -3.23 -16.73 12.27
C VAL B 92 -2.96 -17.57 11.05
N ARG B 93 -1.71 -17.59 10.59
CA ARG B 93 -1.38 -18.41 9.44
C ARG B 93 -1.72 -19.89 9.63
N THR B 94 -1.59 -20.36 10.87
CA THR B 94 -1.90 -21.75 11.24
C THR B 94 -3.39 -21.91 11.43
N CYS B 95 -4.03 -20.92 12.05
CA CYS B 95 -5.50 -20.92 12.10
C CYS B 95 -6.11 -21.04 10.70
N ARG B 96 -5.61 -20.25 9.75
CA ARG B 96 -6.02 -20.34 8.35
C ARG B 96 -5.72 -21.71 7.69
N TRP B 97 -4.49 -22.18 7.75
CA TRP B 97 -4.14 -23.46 7.13
C TRP B 97 -5.06 -24.54 7.66
N LEU B 98 -5.11 -24.66 8.98
CA LEU B 98 -5.97 -25.62 9.65
C LEU B 98 -7.43 -25.52 9.17
N PHE B 99 -7.99 -24.31 9.21
CA PHE B 99 -9.42 -24.08 8.93
C PHE B 99 -9.77 -24.39 7.48
N ASP B 100 -8.85 -24.08 6.56
CA ASP B 100 -9.08 -24.31 5.14
C ASP B 100 -9.02 -25.77 4.73
N THR B 101 -8.05 -26.54 5.26
CA THR B 101 -8.03 -28.00 5.01
C THR B 101 -9.17 -28.71 5.74
N PHE B 102 -9.52 -28.23 6.94
CA PHE B 102 -10.67 -28.78 7.70
C PHE B 102 -12.06 -28.39 7.17
N SER B 103 -12.17 -27.24 6.49
CA SER B 103 -13.47 -26.74 5.99
C SER B 103 -13.66 -27.18 4.57
N LEU B 104 -12.55 -27.50 3.92
CA LEU B 104 -12.52 -27.93 2.52
C LEU B 104 -12.71 -26.74 1.55
N TYR B 105 -12.31 -25.53 1.97
CA TYR B 105 -12.38 -24.33 1.09
C TYR B 105 -11.80 -24.64 -0.28
N ARG B 106 -10.53 -25.06 -0.26
CA ARG B 106 -9.75 -25.40 -1.46
C ARG B 106 -10.23 -26.66 -2.19
N PHE B 107 -11.07 -27.49 -1.55
CA PHE B 107 -11.54 -28.74 -2.18
C PHE B 107 -12.65 -28.53 -3.22
N GLY B 108 -12.28 -28.65 -4.49
CA GLY B 108 -13.21 -28.47 -5.61
C GLY B 108 -13.32 -27.02 -6.05
N SER B 109 -14.51 -26.66 -6.50
CA SER B 109 -14.75 -25.36 -7.10
C SER B 109 -15.30 -24.38 -6.08
N ILE B 110 -15.05 -23.08 -6.28
CA ILE B 110 -15.68 -22.09 -5.44
C ILE B 110 -17.18 -22.20 -5.70
N THR B 111 -17.98 -22.28 -4.63
CA THR B 111 -19.45 -22.21 -4.73
C THR B 111 -19.86 -21.08 -3.81
N GLU B 112 -21.10 -20.65 -3.99
CA GLU B 112 -21.63 -19.54 -3.21
C GLU B 112 -21.97 -20.03 -1.81
N SER B 113 -22.50 -21.25 -1.70
CA SER B 113 -22.74 -21.88 -0.39
C SER B 113 -21.44 -22.02 0.39
N LYS B 114 -20.33 -22.29 -0.30
CA LYS B 114 -19.04 -22.48 0.38
C LYS B 114 -18.45 -21.15 0.87
N VAL B 115 -18.75 -20.08 0.15
CA VAL B 115 -18.30 -18.76 0.55
C VAL B 115 -19.10 -18.22 1.73
N ILE B 116 -20.42 -18.32 1.62
CA ILE B 116 -21.32 -17.81 2.67
C ILE B 116 -21.21 -18.64 3.92
N SER B 117 -21.26 -19.97 3.81
CA SER B 117 -20.95 -20.87 4.94
C SER B 117 -19.75 -20.33 5.73
N ARG B 118 -18.60 -20.18 5.05
CA ARG B 118 -17.34 -19.78 5.66
C ARG B 118 -17.38 -18.43 6.35
N CYS B 119 -17.84 -17.42 5.60
CA CYS B 119 -17.89 -16.04 6.10
C CYS B 119 -18.89 -15.90 7.23
N LEU B 120 -19.90 -16.77 7.25
CA LEU B 120 -20.86 -16.77 8.36
C LEU B 120 -20.11 -17.25 9.61
N PHE B 121 -19.49 -18.42 9.52
CA PHE B 121 -18.71 -18.95 10.62
C PHE B 121 -17.81 -17.87 11.14
N LEU B 122 -16.99 -17.30 10.25
CA LEU B 122 -15.84 -16.52 10.69
C LEU B 122 -16.27 -15.19 11.25
N GLU B 123 -17.37 -14.66 10.73
CA GLU B 123 -17.83 -13.34 11.16
C GLU B 123 -18.51 -13.40 12.52
N THR B 124 -18.72 -14.62 13.03
CA THR B 124 -19.07 -14.73 14.44
C THR B 124 -17.87 -14.41 15.30
N VAL B 125 -16.75 -15.04 14.97
CA VAL B 125 -15.51 -14.85 15.74
C VAL B 125 -15.08 -13.39 15.71
N ALA B 126 -15.32 -12.70 14.59
CA ALA B 126 -14.75 -11.36 14.34
C ALA B 126 -15.32 -10.24 15.19
N GLY B 127 -16.58 -10.37 15.57
CA GLY B 127 -17.15 -9.43 16.50
C GLY B 127 -16.56 -9.45 17.89
N VAL B 128 -15.91 -10.54 18.29
CA VAL B 128 -15.41 -10.62 19.67
C VAL B 128 -14.34 -9.58 20.06
N PRO B 129 -13.23 -9.52 19.31
CA PRO B 129 -12.03 -8.73 19.65
C PRO B 129 -12.23 -7.24 19.99
N GLY B 130 -13.03 -6.55 19.23
CA GLY B 130 -13.23 -5.14 19.50
C GLY B 130 -13.97 -4.97 20.82
N MET B 131 -14.89 -5.88 21.09
CA MET B 131 -15.71 -5.78 22.30
C MET B 131 -14.80 -5.93 23.51
N VAL B 132 -14.11 -7.08 23.65
CA VAL B 132 -13.13 -7.27 24.78
C VAL B 132 -12.16 -6.10 24.86
N GLY B 133 -11.56 -5.71 23.74
CA GLY B 133 -10.74 -4.50 23.74
C GLY B 133 -11.48 -3.26 24.25
N GLY B 134 -12.51 -2.82 23.53
CA GLY B 134 -13.42 -1.77 24.00
C GLY B 134 -13.77 -1.87 25.49
N MET B 135 -14.21 -3.04 25.98
CA MET B 135 -14.50 -3.25 27.41
C MET B 135 -13.31 -3.05 28.35
N LEU B 136 -12.19 -3.73 28.05
CA LEU B 136 -11.06 -3.60 28.94
C LEU B 136 -10.69 -2.11 29.08
N ARG B 137 -10.59 -1.36 27.97
CA ARG B 137 -10.23 0.09 28.04
C ARG B 137 -11.23 0.96 28.78
N HIS B 138 -12.52 0.80 28.50
CA HIS B 138 -13.58 1.36 29.37
C HIS B 138 -13.25 1.11 30.85
N LEU B 139 -13.18 -0.16 31.22
CA LEU B 139 -12.83 -0.54 32.58
C LEU B 139 -11.61 0.22 33.12
N SER B 140 -10.58 0.38 32.28
CA SER B 140 -9.34 1.06 32.69
C SER B 140 -9.47 2.56 32.96
N SER B 141 -10.17 3.28 32.09
CA SER B 141 -10.53 4.66 32.42
C SER B 141 -11.32 4.74 33.76
N LEU B 142 -12.16 3.76 34.09
CA LEU B 142 -12.94 3.92 35.33
C LEU B 142 -12.06 3.69 36.56
N ARG B 143 -11.37 2.56 36.62
CA ARG B 143 -10.53 2.34 37.81
C ARG B 143 -9.43 3.30 38.00
N TYR B 144 -8.69 3.58 36.95
CA TYR B 144 -7.57 4.54 37.06
C TYR B 144 -8.01 5.99 36.99
N MET B 145 -9.26 6.27 36.62
CA MET B 145 -9.69 7.66 36.38
C MET B 145 -8.77 8.38 35.40
N THR B 146 -8.84 7.97 34.13
CA THR B 146 -8.04 8.59 33.10
C THR B 146 -8.86 8.77 31.83
N ARG B 147 -8.59 9.84 31.11
CA ARG B 147 -9.13 10.02 29.78
C ARG B 147 -8.73 8.82 28.97
N ASP B 148 -9.62 8.39 28.08
CA ASP B 148 -9.37 7.31 27.13
C ASP B 148 -9.08 7.86 25.74
N LYS B 149 -9.55 9.08 25.44
CA LYS B 149 -9.08 9.83 24.27
C LYS B 149 -9.43 9.26 22.88
N GLY B 150 -10.62 8.66 22.80
CA GLY B 150 -11.19 8.15 21.54
C GLY B 150 -11.08 6.64 21.18
N TRP B 151 -10.55 5.80 22.04
CA TRP B 151 -10.27 4.41 21.63
C TRP B 151 -11.53 3.59 21.75
N ILE B 152 -12.17 3.73 22.92
CA ILE B 152 -13.38 2.96 23.30
C ILE B 152 -14.38 2.89 22.14
N ASN B 153 -14.88 4.03 21.70
CA ASN B 153 -15.87 4.01 20.64
C ASN B 153 -15.39 3.27 19.40
N THR B 154 -14.29 3.74 18.82
CA THR B 154 -13.73 3.11 17.63
C THR B 154 -13.64 1.60 17.80
N LEU B 155 -13.18 1.16 18.95
CA LEU B 155 -13.16 -0.28 19.27
C LEU B 155 -14.52 -0.91 19.45
N LEU B 156 -15.44 -0.16 20.03
CA LEU B 156 -16.84 -0.61 20.10
C LEU B 156 -17.56 -0.61 18.74
N VAL B 157 -17.47 0.44 17.91
CA VAL B 157 -18.23 0.37 16.59
C VAL B 157 -17.59 -0.67 15.68
N GLU B 158 -16.28 -0.85 15.85
CA GLU B 158 -15.57 -1.99 15.25
C GLU B 158 -16.25 -3.36 15.55
N ALA B 159 -16.83 -3.54 16.74
CA ALA B 159 -17.51 -4.83 17.07
C ALA B 159 -18.94 -4.91 16.50
N GLU B 160 -19.59 -3.74 16.49
CA GLU B 160 -20.88 -3.56 15.88
C GLU B 160 -20.84 -3.72 14.38
N ASN B 161 -19.74 -3.29 13.75
CA ASN B 161 -19.55 -3.49 12.34
C ASN B 161 -19.45 -4.96 11.99
N GLU B 162 -18.57 -5.69 12.66
CA GLU B 162 -18.39 -7.08 12.31
C GLU B 162 -19.76 -7.77 12.55
N ARG B 163 -20.51 -7.39 13.57
CA ARG B 163 -21.82 -8.06 13.80
C ARG B 163 -22.86 -7.78 12.72
N MET B 164 -22.79 -6.58 12.13
CA MET B 164 -23.59 -6.25 10.96
C MET B 164 -23.20 -7.13 9.78
N HIS B 165 -21.92 -7.35 9.59
CA HIS B 165 -21.52 -8.33 8.55
C HIS B 165 -22.29 -9.60 8.83
N LEU B 166 -22.32 -10.00 10.10
CA LEU B 166 -22.88 -11.30 10.53
C LEU B 166 -24.40 -11.28 10.32
N MET B 167 -25.09 -10.28 10.88
CA MET B 167 -26.55 -10.17 10.67
C MET B 167 -26.87 -10.23 9.17
N THR B 168 -26.01 -9.64 8.34
CA THR B 168 -26.17 -9.74 6.87
C THR B 168 -26.09 -11.17 6.36
N PHE B 169 -25.02 -11.85 6.68
CA PHE B 169 -24.85 -13.24 6.26
C PHE B 169 -25.91 -14.21 6.81
N ILE B 170 -26.54 -13.91 7.93
CA ILE B 170 -27.64 -14.77 8.39
C ILE B 170 -28.85 -14.67 7.46
N GLU B 171 -28.95 -13.60 6.67
CA GLU B 171 -30.08 -13.40 5.71
C GLU B 171 -29.94 -14.30 4.49
N LEU B 172 -28.70 -14.63 4.14
CA LEU B 172 -28.42 -15.30 2.89
C LEU B 172 -28.27 -16.80 3.13
N ARG B 173 -28.36 -17.22 4.38
CA ARG B 173 -28.19 -18.63 4.71
C ARG B 173 -28.54 -18.79 6.16
N GLN B 174 -29.12 -19.92 6.50
CA GLN B 174 -29.48 -20.22 7.89
C GLN B 174 -28.85 -21.55 8.24
N PRO B 175 -27.81 -21.52 9.06
CA PRO B 175 -26.91 -22.66 9.05
C PRO B 175 -27.49 -23.87 9.78
N GLY B 176 -26.84 -25.02 9.64
CA GLY B 176 -27.42 -26.26 10.15
C GLY B 176 -27.24 -26.36 11.64
N LEU B 177 -27.75 -27.45 12.23
CA LEU B 177 -27.55 -27.70 13.66
C LEU B 177 -26.06 -27.99 13.91
N PRO B 178 -25.49 -28.98 13.21
CA PRO B 178 -24.04 -29.15 13.36
C PRO B 178 -23.27 -27.82 13.46
N LEU B 179 -23.44 -26.92 12.49
CA LEU B 179 -22.68 -25.69 12.48
C LEU B 179 -23.09 -24.69 13.59
N ARG B 180 -24.33 -24.76 14.06
CA ARG B 180 -24.83 -23.84 15.10
C ARG B 180 -24.18 -24.15 16.46
N VAL B 181 -23.80 -25.44 16.64
CA VAL B 181 -23.08 -25.92 17.82
C VAL B 181 -21.62 -25.60 17.65
N SER B 182 -21.07 -25.94 16.51
CA SER B 182 -19.68 -25.60 16.26
C SER B 182 -19.43 -24.12 16.55
N ILE B 183 -20.37 -23.27 16.14
CA ILE B 183 -20.28 -21.81 16.38
C ILE B 183 -20.39 -21.41 17.88
N ILE B 184 -21.31 -22.03 18.63
CA ILE B 184 -21.42 -21.78 20.09
C ILE B 184 -20.12 -22.09 20.82
N ILE B 185 -19.55 -23.28 20.62
CA ILE B 185 -18.39 -23.68 21.46
C ILE B 185 -17.17 -22.83 21.10
N THR B 186 -17.08 -22.45 19.84
CA THR B 186 -15.93 -21.68 19.37
C THR B 186 -15.94 -20.28 19.93
N GLN B 187 -17.11 -19.76 20.31
CA GLN B 187 -17.12 -18.47 21.01
C GLN B 187 -16.32 -18.55 22.33
N ALA B 188 -16.55 -19.65 23.07
CA ALA B 188 -16.03 -19.85 24.42
C ALA B 188 -14.50 -19.89 24.43
N ILE B 189 -13.93 -20.75 23.62
CA ILE B 189 -12.47 -20.78 23.49
C ILE B 189 -11.94 -19.41 23.11
N MET B 190 -12.52 -18.81 22.06
CA MET B 190 -12.04 -17.52 21.54
C MET B 190 -12.25 -16.34 22.49
N TYR B 191 -13.41 -16.33 23.15
CA TYR B 191 -13.72 -15.27 24.12
C TYR B 191 -12.67 -15.25 25.27
N LEU B 192 -12.41 -16.43 25.82
CA LEU B 192 -11.49 -16.60 26.92
C LEU B 192 -10.07 -16.29 26.45
N PHE B 193 -9.76 -16.71 25.24
CA PHE B 193 -8.46 -16.44 24.66
C PHE B 193 -8.17 -14.94 24.65
N LEU B 194 -9.10 -14.17 24.11
CA LEU B 194 -8.87 -12.72 23.97
C LEU B 194 -8.97 -12.04 25.32
N LEU B 195 -9.74 -12.64 26.22
CA LEU B 195 -9.89 -12.04 27.53
C LEU B 195 -8.50 -12.00 28.16
N VAL B 196 -7.80 -13.14 28.19
CA VAL B 196 -6.50 -13.18 28.88
C VAL B 196 -5.48 -12.50 28.00
N ALA B 197 -5.53 -12.77 26.70
CA ALA B 197 -4.63 -12.13 25.79
C ALA B 197 -4.59 -10.63 26.03
N TYR B 198 -5.74 -9.94 26.03
CA TYR B 198 -5.77 -8.45 26.10
C TYR B 198 -5.32 -7.91 27.46
N VAL B 199 -5.56 -8.67 28.53
CA VAL B 199 -5.00 -8.38 29.86
C VAL B 199 -3.46 -8.56 29.90
N ILE B 200 -2.93 -9.68 29.38
CA ILE B 200 -1.46 -9.96 29.34
C ILE B 200 -0.72 -9.02 28.40
N SER B 201 -1.26 -8.85 27.19
CA SER B 201 -0.58 -8.14 26.10
C SER B 201 -1.56 -7.61 25.05
N PRO B 202 -1.96 -6.33 25.14
CA PRO B 202 -2.85 -5.76 24.10
C PRO B 202 -2.17 -5.58 22.73
N ARG B 203 -0.85 -5.40 22.76
CA ARG B 203 -0.02 -5.31 21.57
C ARG B 203 -0.24 -6.54 20.67
N PHE B 204 -0.06 -7.72 21.25
CA PHE B 204 -0.26 -8.97 20.55
C PHE B 204 -1.67 -9.11 20.01
N VAL B 205 -2.70 -8.78 20.80
CA VAL B 205 -4.07 -8.93 20.29
C VAL B 205 -4.29 -8.05 19.07
N HIS B 206 -4.26 -6.74 19.22
CA HIS B 206 -4.37 -5.84 18.06
C HIS B 206 -3.60 -6.27 16.80
N ARG B 207 -2.39 -6.80 16.98
CA ARG B 207 -1.62 -7.31 15.84
C ARG B 207 -2.33 -8.51 15.24
N PHE B 208 -2.56 -9.56 16.04
CA PHE B 208 -3.35 -10.73 15.67
C PHE B 208 -4.60 -10.27 14.90
N VAL B 209 -5.39 -9.38 15.48
CA VAL B 209 -6.53 -8.81 14.77
C VAL B 209 -6.11 -8.12 13.46
N GLY B 210 -5.08 -7.29 13.50
CA GLY B 210 -4.57 -6.70 12.25
C GLY B 210 -4.24 -7.73 11.16
N TYR B 211 -3.58 -8.80 11.58
CA TYR B 211 -3.23 -9.84 10.67
C TYR B 211 -4.41 -10.59 10.17
N LEU B 212 -5.35 -10.90 11.05
CA LEU B 212 -6.57 -11.57 10.67
C LEU B 212 -7.19 -10.84 9.50
N GLU B 213 -7.24 -9.52 9.58
CA GLU B 213 -7.95 -8.69 8.58
C GLU B 213 -7.11 -8.46 7.32
N GLU B 214 -5.85 -8.83 7.32
CA GLU B 214 -5.24 -9.03 6.04
C GLU B 214 -5.99 -10.18 5.40
N GLU B 215 -5.84 -11.37 5.97
CA GLU B 215 -6.45 -12.60 5.43
C GLU B 215 -7.89 -12.41 4.97
N ALA B 216 -8.67 -11.58 5.67
CA ALA B 216 -10.08 -11.41 5.33
C ALA B 216 -10.24 -10.68 4.02
N VAL B 217 -9.49 -9.57 3.86
CA VAL B 217 -9.40 -8.88 2.56
C VAL B 217 -8.92 -9.86 1.46
N ILE B 218 -7.94 -10.72 1.71
CA ILE B 218 -7.58 -11.73 0.68
C ILE B 218 -8.81 -12.53 0.24
N THR B 219 -9.54 -13.06 1.20
CA THR B 219 -10.70 -13.90 0.91
C THR B 219 -11.71 -13.06 0.15
N TYR B 220 -11.99 -11.87 0.68
CA TYR B 220 -13.01 -10.99 0.12
C TYR B 220 -12.64 -10.42 -1.23
N THR B 221 -11.37 -10.52 -1.62
CA THR B 221 -11.00 -10.23 -3.01
C THR B 221 -11.03 -11.48 -3.89
N GLY B 222 -10.55 -12.61 -3.39
CA GLY B 222 -10.78 -13.89 -4.09
C GLY B 222 -12.21 -14.00 -4.58
N VAL B 223 -13.15 -13.70 -3.70
CA VAL B 223 -14.57 -13.71 -4.05
C VAL B 223 -14.90 -12.66 -5.13
N MET B 224 -14.64 -11.41 -4.89
CA MET B 224 -14.89 -10.41 -5.94
C MET B 224 -14.28 -10.83 -7.28
N ARG B 225 -13.05 -11.34 -7.28
CA ARG B 225 -12.39 -11.79 -8.52
C ARG B 225 -13.10 -12.99 -9.13
N ALA B 226 -13.62 -13.89 -8.29
CA ALA B 226 -14.35 -15.04 -8.76
C ALA B 226 -15.62 -14.63 -9.49
N ILE B 227 -16.16 -13.49 -9.10
CA ILE B 227 -17.39 -13.03 -9.72
C ILE B 227 -17.09 -12.46 -11.09
N ASP B 228 -16.08 -11.60 -11.15
CA ASP B 228 -15.64 -11.00 -12.41
C ASP B 228 -15.24 -12.04 -13.41
N GLU B 229 -14.82 -13.21 -12.96
CA GLU B 229 -14.42 -14.28 -13.91
C GLU B 229 -15.58 -15.14 -14.36
N GLY B 230 -16.62 -15.24 -13.54
CA GLY B 230 -17.75 -16.10 -13.86
C GLY B 230 -17.49 -17.52 -13.39
N ARG B 231 -16.47 -17.70 -12.56
CA ARG B 231 -16.26 -18.95 -11.80
C ARG B 231 -17.28 -19.04 -10.69
N LEU B 232 -17.89 -17.90 -10.41
CA LEU B 232 -18.85 -17.78 -9.35
C LEU B 232 -19.99 -16.88 -9.84
N ARG B 233 -21.19 -17.46 -9.81
CA ARG B 233 -22.42 -16.80 -10.20
C ARG B 233 -23.32 -16.75 -8.97
N PRO B 234 -23.26 -15.62 -8.24
CA PRO B 234 -24.13 -15.49 -7.07
C PRO B 234 -25.60 -15.43 -7.46
N THR B 235 -26.42 -15.92 -6.56
CA THR B 235 -27.83 -15.85 -6.69
C THR B 235 -28.48 -14.92 -5.65
N LYS B 236 -27.68 -14.27 -4.84
CA LYS B 236 -28.19 -13.47 -3.76
C LYS B 236 -28.04 -12.04 -4.10
N ASN B 237 -28.02 -11.75 -5.37
CA ASN B 237 -27.80 -10.39 -5.83
C ASN B 237 -29.10 -9.68 -5.64
N ASP B 238 -29.80 -10.12 -4.59
CA ASP B 238 -30.70 -9.33 -3.79
C ASP B 238 -30.04 -9.19 -2.44
N VAL B 239 -29.61 -7.99 -2.10
CA VAL B 239 -28.94 -7.70 -0.87
C VAL B 239 -29.94 -7.32 0.19
N PRO B 240 -29.78 -7.83 1.38
CA PRO B 240 -30.77 -7.73 2.44
C PRO B 240 -31.02 -6.34 2.97
N GLU B 241 -32.22 -6.09 3.43
CA GLU B 241 -32.65 -4.79 3.94
C GLU B 241 -31.67 -4.21 4.97
N VAL B 242 -31.40 -4.97 6.04
CA VAL B 242 -30.44 -4.56 7.10
C VAL B 242 -29.23 -3.91 6.52
N ALA B 243 -28.74 -4.48 5.42
CA ALA B 243 -27.46 -4.15 4.82
C ALA B 243 -27.56 -2.90 3.97
N ARG B 244 -28.71 -2.72 3.33
CA ARG B 244 -28.89 -1.59 2.43
C ARG B 244 -28.98 -0.27 3.19
N VAL B 245 -29.59 -0.23 4.37
CA VAL B 245 -29.50 0.99 5.21
C VAL B 245 -28.30 0.97 6.14
N TYR B 246 -27.67 -0.19 6.45
CA TYR B 246 -26.41 -0.06 7.21
C TYR B 246 -25.34 0.61 6.40
N TRP B 247 -25.26 0.32 5.11
CA TRP B 247 -24.12 0.73 4.26
C TRP B 247 -24.44 1.85 3.24
N ASN B 248 -25.71 2.23 3.15
CA ASN B 248 -26.22 3.31 2.30
C ASN B 248 -26.20 2.97 0.80
N LEU B 249 -26.63 1.74 0.48
CA LEU B 249 -26.64 1.20 -0.89
C LEU B 249 -28.03 1.35 -1.56
N SER B 250 -28.13 0.86 -2.79
CA SER B 250 -29.31 1.00 -3.61
C SER B 250 -29.97 -0.35 -3.68
N LYS B 251 -31.24 -0.37 -4.09
CA LYS B 251 -31.94 -1.64 -4.32
C LYS B 251 -31.39 -2.38 -5.56
N ASN B 252 -30.61 -1.67 -6.40
CA ASN B 252 -29.94 -2.28 -7.56
C ASN B 252 -28.65 -3.01 -7.22
N ALA B 253 -27.93 -2.56 -6.20
CA ALA B 253 -26.63 -3.15 -5.84
C ALA B 253 -26.74 -4.68 -5.65
N THR B 254 -25.63 -5.39 -5.88
CA THR B 254 -25.63 -6.84 -5.96
C THR B 254 -24.82 -7.50 -4.85
N PHE B 255 -24.66 -8.82 -4.94
CA PHE B 255 -23.72 -9.56 -4.12
C PHE B 255 -22.35 -8.89 -4.17
N ARG B 256 -21.84 -8.72 -5.38
CA ARG B 256 -20.49 -8.16 -5.58
C ARG B 256 -20.30 -6.88 -4.77
N ASP B 257 -21.28 -5.99 -4.88
CA ASP B 257 -21.21 -4.69 -4.23
C ASP B 257 -21.25 -4.85 -2.72
N LEU B 258 -22.04 -5.80 -2.23
CA LEU B 258 -22.05 -6.12 -0.80
C LEU B 258 -20.68 -6.63 -0.34
N ILE B 259 -20.14 -7.61 -1.04
CA ILE B 259 -18.78 -8.10 -0.70
C ILE B 259 -17.78 -6.94 -0.69
N ASN B 260 -18.02 -5.92 -1.53
CA ASN B 260 -17.13 -4.72 -1.69
C ASN B 260 -17.19 -3.63 -0.61
N VAL B 261 -18.34 -3.46 0.01
CA VAL B 261 -18.43 -2.59 1.17
C VAL B 261 -17.88 -3.31 2.40
N ILE B 262 -18.21 -4.58 2.58
CA ILE B 262 -17.64 -5.38 3.68
C ILE B 262 -16.09 -5.42 3.68
N ARG B 263 -15.49 -5.95 2.64
CA ARG B 263 -14.02 -5.86 2.40
C ARG B 263 -13.35 -4.55 2.86
N ALA B 264 -14.03 -3.41 2.72
CA ALA B 264 -13.50 -2.08 3.10
C ALA B 264 -13.58 -1.84 4.60
N ASP B 265 -14.62 -2.43 5.20
CA ASP B 265 -14.71 -2.60 6.63
C ASP B 265 -13.53 -3.43 7.11
N GLU B 266 -13.28 -4.56 6.48
CA GLU B 266 -12.16 -5.41 6.91
C GLU B 266 -10.78 -4.75 6.75
N ALA B 267 -10.68 -3.75 5.89
CA ALA B 267 -9.42 -3.02 5.65
C ALA B 267 -9.31 -1.77 6.53
N GLU B 268 -10.44 -1.24 6.98
CA GLU B 268 -10.43 -0.24 8.04
C GLU B 268 -9.92 -0.84 9.35
N HIS B 269 -10.33 -2.08 9.66
CA HIS B 269 -9.93 -2.70 10.93
C HIS B 269 -8.50 -3.17 10.79
N ARG B 270 -8.08 -3.42 9.55
CA ARG B 270 -6.70 -3.81 9.26
C ARG B 270 -5.74 -2.69 9.65
N VAL B 271 -5.94 -1.49 9.09
CA VAL B 271 -5.12 -0.31 9.43
C VAL B 271 -5.33 0.10 10.87
N VAL B 272 -6.58 0.37 11.24
CA VAL B 272 -6.89 0.85 12.61
C VAL B 272 -6.15 0.00 13.64
N ASN B 273 -6.33 -1.32 13.57
CA ASN B 273 -5.72 -2.23 14.52
C ASN B 273 -4.18 -2.37 14.48
N HIS B 274 -3.58 -2.35 13.30
CA HIS B 274 -2.09 -2.38 13.18
C HIS B 274 -1.48 -1.09 13.69
N THR B 275 -2.17 0.03 13.47
CA THR B 275 -1.81 1.31 14.10
C THR B 275 -1.93 1.26 15.62
N PHE B 276 -3.09 0.90 16.13
CA PHE B 276 -3.24 0.78 17.60
C PHE B 276 -2.12 -0.09 18.20
N ALA B 277 -1.68 -1.15 17.51
CA ALA B 277 -0.68 -2.08 18.04
C ALA B 277 0.78 -1.55 17.89
N ASP B 278 0.98 -0.66 16.91
CA ASP B 278 2.18 0.15 16.80
C ASP B 278 2.23 1.16 17.93
N MET B 279 1.07 1.68 18.33
CA MET B 279 1.01 2.64 19.43
C MET B 279 1.42 1.94 20.75
N HIS B 280 1.16 0.64 20.86
CA HIS B 280 1.50 -0.12 22.08
C HIS B 280 3.00 -0.44 22.15
N GLU B 281 3.54 -0.88 21.02
CA GLU B 281 4.97 -1.16 20.81
C GLU B 281 5.82 0.07 21.12
N LYS B 282 5.21 1.25 21.03
CA LYS B 282 5.91 2.52 21.31
C LYS B 282 5.50 3.20 22.62
N ARG B 283 4.73 2.55 23.49
CA ARG B 283 4.25 3.22 24.69
C ARG B 283 3.48 4.49 24.30
N LEU B 284 2.57 4.34 23.34
CA LEU B 284 1.71 5.42 22.91
C LEU B 284 0.24 5.08 23.19
N GLN B 285 -0.02 4.00 23.96
CA GLN B 285 -1.40 3.53 24.24
C GLN B 285 -2.26 4.41 25.20
N ASN B 286 -1.77 5.60 25.56
CA ASN B 286 -2.53 6.59 26.31
C ASN B 286 -2.34 8.00 25.71
N SER B 287 -1.96 8.04 24.41
CA SER B 287 -2.02 9.28 23.64
C SER B 287 -3.41 9.28 23.00
N VAL B 288 -3.69 10.23 22.09
CA VAL B 288 -5.00 10.26 21.47
C VAL B 288 -5.10 9.28 20.27
N ASN B 289 -6.13 8.44 20.26
CA ASN B 289 -6.47 7.68 19.06
C ASN B 289 -6.44 8.65 17.86
N PRO B 290 -5.60 8.36 16.86
CA PRO B 290 -5.48 9.35 15.80
C PRO B 290 -6.71 9.44 14.89
N PHE B 291 -7.45 8.36 14.70
CA PHE B 291 -8.57 8.37 13.71
C PHE B 291 -9.68 9.36 14.02
N VAL B 292 -9.88 9.65 15.29
CA VAL B 292 -10.90 10.61 15.74
C VAL B 292 -10.61 12.07 15.33
N VAL B 293 -9.45 12.31 14.74
CA VAL B 293 -9.27 13.55 14.01
C VAL B 293 -9.54 13.25 12.55
N LEU B 294 -9.02 12.12 12.05
CA LEU B 294 -9.29 11.65 10.68
C LEU B 294 -10.79 11.42 10.44
N LYS B 295 -11.62 12.32 11.00
CA LYS B 295 -13.08 12.40 10.81
C LYS B 295 -13.63 13.85 10.95
N LYS B 296 -12.79 14.76 11.45
CA LYS B 296 -13.26 16.00 12.08
C LYS B 296 -12.30 17.20 11.87
N PRO C 31 35.45 12.12 -14.32
CA PRO C 31 36.50 13.06 -13.93
C PRO C 31 37.56 13.34 -15.04
N VAL C 32 38.78 12.81 -14.91
CA VAL C 32 39.88 13.07 -15.86
C VAL C 32 39.66 12.24 -17.14
N TRP C 33 38.76 12.70 -18.00
CA TRP C 33 38.50 11.99 -19.24
C TRP C 33 38.24 12.97 -20.36
N GLY C 34 39.30 13.34 -21.07
CA GLY C 34 39.22 14.24 -22.20
C GLY C 34 40.14 13.80 -23.32
N HIS C 35 40.72 14.78 -24.02
CA HIS C 35 41.41 14.54 -25.30
C HIS C 35 42.51 13.46 -25.32
N THR C 36 43.33 13.32 -24.29
CA THR C 36 44.45 12.32 -24.35
C THR C 36 43.96 10.87 -24.20
N GLN C 37 42.81 10.67 -23.58
CA GLN C 37 42.24 9.32 -23.51
C GLN C 37 41.60 8.98 -24.85
N LEU C 38 40.82 9.93 -25.38
CA LEU C 38 40.17 9.81 -26.71
C LEU C 38 41.13 9.67 -27.92
N ASN C 39 42.33 10.27 -27.84
CA ASN C 39 43.32 10.19 -28.93
C ASN C 39 44.23 8.94 -28.92
N ARG C 40 44.39 8.25 -27.79
CA ARG C 40 44.96 6.88 -27.80
C ARG C 40 44.21 5.91 -28.71
N LEU C 41 44.87 4.84 -29.10
CA LEU C 41 44.38 3.90 -30.12
C LEU C 41 43.69 2.65 -29.56
N SER C 42 44.04 2.24 -28.33
CA SER C 42 43.35 1.13 -27.65
C SER C 42 43.71 1.07 -26.20
N PHE C 43 42.83 0.46 -25.42
CA PHE C 43 43.04 0.29 -23.99
C PHE C 43 43.09 -1.19 -23.63
N LEU C 44 43.26 -2.03 -24.66
CA LEU C 44 43.47 -3.49 -24.46
C LEU C 44 44.57 -3.79 -23.44
N GLU C 45 45.54 -2.88 -23.29
CA GLU C 45 46.61 -3.01 -22.27
C GLU C 45 46.30 -2.35 -20.90
N THR C 46 45.02 -2.16 -20.59
CA THR C 46 44.59 -1.80 -19.22
C THR C 46 43.66 -2.88 -18.64
N VAL C 47 43.40 -3.95 -19.41
CA VAL C 47 42.56 -5.02 -18.89
C VAL C 47 43.29 -5.87 -17.81
N PRO C 48 44.64 -5.88 -17.79
CA PRO C 48 45.33 -6.50 -16.62
C PRO C 48 45.29 -5.71 -15.29
N VAL C 49 45.03 -4.41 -15.33
CA VAL C 49 45.12 -3.58 -14.11
C VAL C 49 43.79 -2.93 -13.70
N VAL C 50 42.69 -3.35 -14.31
CA VAL C 50 41.39 -2.76 -13.96
C VAL C 50 40.64 -3.79 -13.14
N PRO C 51 40.29 -3.43 -11.88
CA PRO C 51 39.59 -4.38 -11.01
C PRO C 51 38.18 -4.65 -11.50
N LEU C 52 37.70 -5.88 -11.28
CA LEU C 52 36.29 -6.17 -11.38
C LEU C 52 35.61 -5.67 -10.09
N ARG C 53 34.83 -4.60 -10.22
CA ARG C 53 34.03 -4.04 -9.13
C ARG C 53 32.53 -4.38 -9.27
N VAL C 54 31.88 -4.56 -8.14
CA VAL C 54 30.46 -4.93 -8.11
C VAL C 54 29.63 -3.80 -8.79
N SER C 55 29.84 -2.55 -8.38
CA SER C 55 29.14 -1.41 -9.02
C SER C 55 29.24 -1.29 -10.55
N ASP C 56 30.13 -2.07 -11.17
CA ASP C 56 30.39 -1.99 -12.64
C ASP C 56 29.42 -2.87 -13.47
N GLU C 57 28.55 -3.62 -12.79
CA GLU C 57 27.72 -4.63 -13.45
C GLU C 57 26.42 -4.04 -14.07
N SER C 58 26.01 -2.87 -13.60
CA SER C 58 24.94 -2.11 -14.23
C SER C 58 25.27 -0.64 -14.24
N SER C 59 24.39 0.15 -14.83
CA SER C 59 24.52 1.61 -14.87
C SER C 59 24.39 2.14 -13.47
N GLU C 60 24.50 3.47 -13.37
CA GLU C 60 24.32 4.16 -12.11
C GLU C 60 22.89 4.59 -11.87
N ASP C 61 21.99 4.05 -12.70
CA ASP C 61 20.56 4.35 -12.63
C ASP C 61 19.88 3.30 -11.72
N ARG C 62 19.91 3.57 -10.42
CA ARG C 62 19.69 2.54 -9.40
C ARG C 62 18.46 2.78 -8.52
N PRO C 63 17.76 1.70 -8.17
CA PRO C 63 16.65 1.99 -7.26
C PRO C 63 17.20 2.50 -5.94
N THR C 64 16.66 3.61 -5.44
CA THR C 64 16.94 4.04 -4.06
C THR C 64 15.66 3.98 -3.20
N TRP C 65 15.12 2.77 -2.99
CA TRP C 65 13.96 2.57 -2.10
C TRP C 65 14.31 2.71 -0.62
N SER C 66 13.43 3.34 0.16
CA SER C 66 13.45 3.23 1.62
C SER C 66 12.67 1.99 2.12
N LEU C 67 13.36 1.00 2.68
CA LEU C 67 12.71 -0.24 3.17
C LEU C 67 11.37 -0.12 3.97
N PRO C 68 11.29 0.78 4.98
CA PRO C 68 10.00 1.00 5.66
C PRO C 68 8.86 1.60 4.79
N ASP C 69 9.20 2.28 3.68
CA ASP C 69 8.18 2.75 2.75
C ASP C 69 7.73 1.61 1.84
N ILE C 70 8.68 0.84 1.32
CA ILE C 70 8.36 -0.19 0.32
C ILE C 70 7.71 -1.41 0.93
N GLU C 71 7.78 -1.60 2.23
CA GLU C 71 7.00 -2.67 2.86
C GLU C 71 5.50 -2.49 2.60
N ASN C 72 5.10 -1.25 2.32
CA ASN C 72 3.72 -0.94 1.96
C ASN C 72 3.33 -1.22 0.51
N VAL C 73 4.18 -1.88 -0.27
CA VAL C 73 3.81 -2.15 -1.68
C VAL C 73 2.70 -3.19 -1.67
N ALA C 74 1.72 -3.07 -2.59
CA ALA C 74 0.53 -3.90 -2.50
C ALA C 74 0.35 -4.93 -3.63
N ILE C 75 -0.65 -5.81 -3.44
CA ILE C 75 -1.09 -6.74 -4.46
C ILE C 75 -2.33 -6.10 -5.06
N THR C 76 -2.15 -5.43 -6.17
CA THR C 76 -3.18 -4.64 -6.81
C THR C 76 -3.56 -5.38 -8.07
N HIS C 77 -4.68 -5.00 -8.67
CA HIS C 77 -5.09 -5.61 -9.92
C HIS C 77 -5.79 -4.57 -10.79
N LYS C 78 -5.29 -4.31 -12.00
CA LYS C 78 -6.03 -3.49 -12.97
C LYS C 78 -7.00 -4.39 -13.74
N LYS C 79 -8.31 -4.17 -13.58
CA LYS C 79 -9.31 -5.07 -14.21
C LYS C 79 -9.19 -4.95 -15.71
N PRO C 80 -9.09 -6.10 -16.44
CA PRO C 80 -9.05 -6.06 -17.92
C PRO C 80 -10.24 -5.28 -18.49
N ASN C 81 -10.01 -4.42 -19.47
CA ASN C 81 -11.11 -3.60 -20.05
C ASN C 81 -11.92 -4.29 -21.17
N GLY C 82 -11.32 -4.46 -22.36
CA GLY C 82 -12.00 -5.09 -23.51
C GLY C 82 -11.24 -6.31 -23.99
N LEU C 83 -11.10 -6.45 -25.31
CA LEU C 83 -10.48 -7.63 -25.92
C LEU C 83 -9.02 -7.83 -25.50
N VAL C 84 -8.14 -6.93 -25.94
CA VAL C 84 -6.69 -7.13 -25.75
C VAL C 84 -6.32 -7.21 -24.28
N ASP C 85 -6.96 -6.40 -23.45
CA ASP C 85 -6.81 -6.60 -22.02
C ASP C 85 -7.11 -8.05 -21.65
N THR C 86 -8.26 -8.54 -22.10
CA THR C 86 -8.70 -9.89 -21.74
C THR C 86 -7.80 -10.99 -22.35
N LEU C 87 -7.15 -10.69 -23.47
CA LEU C 87 -6.29 -11.67 -24.13
C LEU C 87 -4.96 -11.83 -23.42
N ALA C 88 -4.46 -10.72 -22.91
CA ALA C 88 -3.23 -10.70 -22.14
C ALA C 88 -3.43 -11.37 -20.78
N TYR C 89 -4.44 -10.94 -20.04
CA TYR C 89 -4.73 -11.54 -18.72
C TYR C 89 -4.84 -13.05 -18.83
N ARG C 90 -5.80 -13.55 -19.62
CA ARG C 90 -5.97 -15.01 -19.79
C ARG C 90 -4.62 -15.62 -20.11
N SER C 91 -3.91 -15.00 -21.04
CA SER C 91 -2.59 -15.48 -21.44
C SER C 91 -1.64 -15.64 -20.23
N VAL C 92 -1.30 -14.55 -19.54
CA VAL C 92 -0.54 -14.65 -18.28
C VAL C 92 -1.15 -15.69 -17.34
N ARG C 93 -2.47 -15.63 -17.16
CA ARG C 93 -3.14 -16.42 -16.13
C ARG C 93 -3.13 -17.92 -16.45
N THR C 94 -3.23 -18.27 -17.72
CA THR C 94 -3.09 -19.67 -18.13
C THR C 94 -1.60 -20.05 -18.09
N CYS C 95 -0.73 -19.06 -18.28
CA CYS C 95 0.71 -19.25 -18.07
C CYS C 95 0.98 -19.67 -16.64
N ARG C 96 0.56 -18.84 -15.68
CA ARG C 96 0.87 -19.11 -14.27
C ARG C 96 0.42 -20.52 -13.88
N TRP C 97 -0.82 -20.87 -14.25
CA TRP C 97 -1.33 -22.23 -14.01
C TRP C 97 -0.37 -23.27 -14.56
N LEU C 98 -0.10 -23.21 -15.86
CA LEU C 98 0.67 -24.23 -16.53
C LEU C 98 2.05 -24.39 -15.90
N PHE C 99 2.70 -23.26 -15.60
CA PHE C 99 4.04 -23.29 -15.02
C PHE C 99 4.03 -23.77 -13.56
N ASP C 100 3.09 -23.28 -12.76
CA ASP C 100 2.93 -23.72 -11.37
C ASP C 100 2.60 -25.21 -11.28
N THR C 101 1.73 -25.68 -12.17
CA THR C 101 1.22 -27.06 -12.07
C THR C 101 2.29 -28.06 -12.44
N PHE C 102 2.81 -27.91 -13.67
CA PHE C 102 3.73 -28.89 -14.23
C PHE C 102 5.11 -28.83 -13.59
N SER C 103 5.38 -27.77 -12.81
CA SER C 103 6.60 -27.67 -12.03
C SER C 103 6.48 -28.36 -10.65
N LEU C 104 5.26 -28.68 -10.22
CA LEU C 104 5.07 -29.42 -8.96
C LEU C 104 5.64 -28.61 -7.78
N TYR C 105 5.31 -27.31 -7.75
CA TYR C 105 6.02 -26.33 -6.89
C TYR C 105 5.23 -25.85 -5.65
N ARG C 106 3.91 -25.84 -5.73
CA ARG C 106 3.05 -25.41 -4.62
C ARG C 106 2.74 -26.55 -3.65
N PHE C 107 2.57 -27.76 -4.18
CA PHE C 107 2.34 -28.96 -3.36
C PHE C 107 3.68 -29.27 -2.67
N GLY C 108 3.65 -29.35 -1.34
CA GLY C 108 4.87 -29.46 -0.54
C GLY C 108 5.37 -28.07 -0.18
N SER C 109 5.52 -27.83 1.14
CA SER C 109 5.92 -26.52 1.65
C SER C 109 7.20 -25.99 0.98
N ILE C 110 7.28 -24.67 0.80
CA ILE C 110 8.37 -24.06 0.04
C ILE C 110 9.76 -24.22 0.68
N THR C 111 10.64 -25.01 0.05
CA THR C 111 12.08 -25.05 0.37
C THR C 111 12.77 -23.78 -0.12
N GLU C 112 13.83 -23.37 0.54
CA GLU C 112 14.57 -22.19 0.09
C GLU C 112 15.19 -22.43 -1.31
N SER C 113 15.40 -23.69 -1.68
CA SER C 113 15.98 -23.98 -2.98
C SER C 113 15.01 -23.84 -4.15
N LYS C 114 13.92 -24.62 -4.17
CA LYS C 114 12.96 -24.59 -5.29
C LYS C 114 12.39 -23.18 -5.55
N VAL C 115 12.48 -22.33 -4.53
CA VAL C 115 12.01 -20.95 -4.60
C VAL C 115 13.02 -20.18 -5.40
N ILE C 116 14.25 -20.09 -4.85
CA ILE C 116 15.39 -19.49 -5.53
C ILE C 116 15.62 -19.99 -6.97
N SER C 117 15.17 -21.21 -7.27
CA SER C 117 15.35 -21.82 -8.59
C SER C 117 14.13 -21.62 -9.51
N ARG C 118 12.96 -21.30 -8.93
CA ARG C 118 11.81 -20.83 -9.72
C ARG C 118 12.14 -19.47 -10.27
N CYS C 119 12.40 -18.55 -9.33
CA CYS C 119 12.76 -17.16 -9.58
C CYS C 119 13.90 -17.05 -10.59
N LEU C 120 14.84 -17.99 -10.50
CA LEU C 120 15.96 -18.01 -11.43
C LEU C 120 15.36 -18.04 -12.83
N PHE C 121 14.74 -19.16 -13.19
CA PHE C 121 14.22 -19.39 -14.53
C PHE C 121 13.39 -18.20 -15.02
N LEU C 122 12.50 -17.72 -14.17
CA LEU C 122 11.58 -16.63 -14.54
C LEU C 122 12.30 -15.29 -14.71
N GLU C 123 13.47 -15.14 -14.09
CA GLU C 123 14.22 -13.91 -14.22
C GLU C 123 15.12 -13.86 -15.48
N THR C 124 15.26 -14.99 -16.17
CA THR C 124 15.95 -15.01 -17.47
C THR C 124 15.00 -14.53 -18.55
N VAL C 125 13.71 -14.78 -18.32
CA VAL C 125 12.64 -14.32 -19.20
C VAL C 125 12.16 -12.91 -18.88
N ALA C 126 12.24 -12.47 -17.63
CA ALA C 126 11.74 -11.11 -17.27
C ALA C 126 12.71 -10.00 -17.72
N GLY C 127 13.88 -10.40 -18.22
CA GLY C 127 14.84 -9.44 -18.79
C GLY C 127 14.67 -9.12 -20.28
N VAL C 128 14.04 -10.04 -21.03
CA VAL C 128 13.84 -9.88 -22.48
C VAL C 128 12.88 -8.73 -22.84
N PRO C 129 11.67 -8.67 -22.24
CA PRO C 129 10.62 -7.73 -22.68
C PRO C 129 10.97 -6.26 -22.86
N GLY C 130 11.52 -5.59 -21.84
CA GLY C 130 11.83 -4.16 -21.96
C GLY C 130 12.99 -3.88 -22.91
N MET C 131 13.72 -4.94 -23.29
CA MET C 131 14.80 -4.78 -24.25
C MET C 131 14.23 -4.89 -25.66
N VAL C 132 13.19 -5.69 -25.87
CA VAL C 132 12.63 -5.73 -27.23
C VAL C 132 11.76 -4.47 -27.45
N GLY C 133 11.18 -3.93 -26.38
CA GLY C 133 10.46 -2.68 -26.45
C GLY C 133 11.35 -1.47 -26.69
N GLY C 134 12.30 -1.21 -25.79
CA GLY C 134 13.28 -0.12 -26.00
C GLY C 134 13.96 -0.16 -27.38
N MET C 135 14.66 -1.25 -27.67
CA MET C 135 15.28 -1.47 -28.98
C MET C 135 14.37 -1.08 -30.16
N LEU C 136 13.09 -1.46 -30.07
CA LEU C 136 12.15 -1.21 -31.17
C LEU C 136 11.66 0.24 -31.22
N ARG C 137 11.74 0.97 -30.12
CA ARG C 137 11.43 2.40 -30.11
C ARG C 137 12.64 3.26 -30.55
N HIS C 138 13.81 2.81 -30.15
CA HIS C 138 15.08 3.37 -30.56
C HIS C 138 15.17 3.48 -32.08
N LEU C 139 15.06 2.33 -32.73
CA LEU C 139 15.14 2.24 -34.16
C LEU C 139 14.14 3.20 -34.86
N SER C 140 12.87 3.15 -34.44
CA SER C 140 11.83 3.98 -35.05
C SER C 140 11.97 5.46 -34.69
N SER C 141 12.76 5.75 -33.66
CA SER C 141 13.16 7.12 -33.38
C SER C 141 14.25 7.52 -34.38
N LEU C 142 15.17 6.59 -34.62
CA LEU C 142 16.16 6.79 -35.62
C LEU C 142 15.54 6.94 -36.99
N ARG C 143 14.73 5.97 -37.41
CA ARG C 143 14.27 5.91 -38.81
C ARG C 143 13.16 6.86 -39.20
N TYR C 144 12.37 7.38 -38.27
CA TYR C 144 11.47 8.51 -38.62
C TYR C 144 12.05 9.83 -38.14
N MET C 145 13.22 9.77 -37.48
CA MET C 145 13.86 10.91 -36.85
C MET C 145 12.90 11.70 -35.97
N THR C 146 12.10 10.96 -35.22
CA THR C 146 11.20 11.50 -34.22
C THR C 146 11.75 11.27 -32.82
N ARG C 147 11.38 12.17 -31.93
CA ARG C 147 11.49 12.03 -30.49
C ARG C 147 10.90 10.74 -29.93
N ASP C 148 11.15 10.54 -28.63
CA ASP C 148 10.65 9.41 -27.85
C ASP C 148 10.31 9.88 -26.41
N LYS C 149 10.94 10.97 -25.96
CA LYS C 149 10.56 11.68 -24.76
C LYS C 149 10.42 10.73 -23.57
N GLY C 150 11.50 9.98 -23.30
CA GLY C 150 11.70 9.33 -22.01
C GLY C 150 11.45 7.84 -21.99
N TRP C 151 10.84 7.29 -23.03
CA TRP C 151 10.41 5.90 -22.99
C TRP C 151 11.53 4.91 -23.11
N ILE C 152 12.53 5.22 -23.93
CA ILE C 152 13.59 4.24 -24.24
C ILE C 152 14.40 3.94 -22.99
N ASN C 153 14.87 4.98 -22.31
CA ASN C 153 15.73 4.76 -21.15
C ASN C 153 15.01 3.84 -20.20
N THR C 154 13.83 4.29 -19.76
CA THR C 154 12.95 3.55 -18.86
C THR C 154 12.82 2.10 -19.26
N LEU C 155 12.61 1.90 -20.55
CA LEU C 155 12.45 0.55 -21.05
C LEU C 155 13.74 -0.17 -20.84
N LEU C 156 14.83 0.43 -21.30
CA LEU C 156 16.14 -0.21 -21.22
C LEU C 156 16.68 -0.35 -19.77
N VAL C 157 16.36 0.54 -18.83
CA VAL C 157 16.79 0.25 -17.43
C VAL C 157 15.90 -0.85 -16.79
N GLU C 158 14.65 -0.94 -17.23
CA GLU C 158 13.76 -2.05 -16.81
C GLU C 158 14.37 -3.43 -17.16
N ALA C 159 14.93 -3.56 -18.36
CA ALA C 159 15.58 -4.81 -18.76
C ALA C 159 16.81 -5.07 -17.87
N GLU C 160 17.70 -4.09 -17.82
CA GLU C 160 18.88 -4.13 -16.95
C GLU C 160 18.54 -4.38 -15.49
N ASN C 161 17.43 -3.85 -15.05
CA ASN C 161 17.00 -4.05 -13.69
C ASN C 161 16.61 -5.50 -13.45
N GLU C 162 15.88 -6.08 -14.39
CA GLU C 162 15.50 -7.49 -14.26
C GLU C 162 16.75 -8.34 -14.50
N ARG C 163 17.71 -7.83 -15.27
CA ARG C 163 18.96 -8.58 -15.43
C ARG C 163 19.62 -8.78 -14.07
N MET C 164 19.67 -7.72 -13.26
CA MET C 164 20.23 -7.75 -11.89
C MET C 164 19.51 -8.74 -10.97
N HIS C 165 18.19 -8.80 -11.06
CA HIS C 165 17.47 -9.85 -10.33
C HIS C 165 18.07 -11.23 -10.62
N LEU C 166 18.66 -11.43 -11.80
CA LEU C 166 19.28 -12.73 -12.18
C LEU C 166 20.65 -12.84 -11.57
N MET C 167 21.38 -11.74 -11.59
CA MET C 167 22.73 -11.74 -11.09
C MET C 167 22.76 -12.01 -9.58
N THR C 168 21.65 -11.69 -8.92
CA THR C 168 21.48 -11.96 -7.51
C THR C 168 21.20 -13.45 -7.30
N PHE C 169 20.26 -14.03 -8.04
CA PHE C 169 19.86 -15.43 -7.79
C PHE C 169 20.88 -16.51 -8.18
N ILE C 170 21.63 -16.29 -9.24
CA ILE C 170 22.76 -17.17 -9.56
C ILE C 170 23.86 -17.21 -8.43
N GLU C 171 24.11 -16.09 -7.75
CA GLU C 171 24.94 -16.06 -6.51
C GLU C 171 24.42 -17.05 -5.46
N LEU C 172 23.12 -16.96 -5.18
CA LEU C 172 22.47 -17.79 -4.19
C LEU C 172 22.30 -19.25 -4.59
N ARG C 173 22.63 -19.60 -5.83
CA ARG C 173 22.45 -20.99 -6.26
C ARG C 173 22.80 -21.14 -7.73
N GLN C 174 23.51 -22.20 -8.07
CA GLN C 174 23.80 -22.54 -9.48
C GLN C 174 22.84 -23.66 -9.91
N PRO C 175 22.53 -23.80 -11.22
CA PRO C 175 21.55 -24.81 -11.63
C PRO C 175 22.16 -26.13 -12.12
N GLY C 176 21.34 -27.16 -12.24
CA GLY C 176 21.71 -28.35 -12.99
C GLY C 176 21.59 -28.04 -14.47
N LEU C 177 22.22 -28.87 -15.29
CA LEU C 177 22.21 -28.70 -16.75
C LEU C 177 20.79 -28.73 -17.36
N PRO C 178 19.89 -29.62 -16.86
CA PRO C 178 18.52 -29.60 -17.40
C PRO C 178 17.75 -28.29 -17.23
N LEU C 179 18.17 -27.43 -16.29
CA LEU C 179 17.59 -26.08 -16.18
C LEU C 179 18.16 -25.22 -17.32
N ARG C 180 19.47 -24.95 -17.25
CA ARG C 180 20.19 -24.24 -18.32
C ARG C 180 19.70 -24.65 -19.70
N VAL C 181 19.49 -25.94 -19.92
CA VAL C 181 19.04 -26.48 -21.21
C VAL C 181 17.61 -26.05 -21.55
N SER C 182 16.74 -25.92 -20.55
CA SER C 182 15.40 -25.39 -20.80
C SER C 182 15.43 -23.86 -20.81
N ILE C 183 16.39 -23.26 -20.10
CA ILE C 183 16.53 -21.80 -20.11
C ILE C 183 16.91 -21.33 -21.51
N ILE C 184 17.82 -22.03 -22.17
CA ILE C 184 18.20 -21.67 -23.55
C ILE C 184 17.05 -21.76 -24.56
N ILE C 185 16.22 -22.81 -24.49
CA ILE C 185 15.17 -22.97 -25.52
C ILE C 185 14.08 -21.93 -25.29
N THR C 186 13.91 -21.53 -24.03
CA THR C 186 12.86 -20.59 -23.62
C THR C 186 13.13 -19.18 -24.12
N GLN C 187 14.40 -18.78 -24.06
CA GLN C 187 14.78 -17.41 -24.43
C GLN C 187 14.52 -17.18 -25.93
N ALA C 188 14.62 -18.25 -26.71
CA ALA C 188 14.44 -18.17 -28.16
C ALA C 188 12.99 -17.91 -28.51
N ILE C 189 12.12 -18.83 -28.09
CA ILE C 189 10.67 -18.75 -28.38
C ILE C 189 10.08 -17.43 -27.85
N MET C 190 10.46 -17.05 -26.62
CA MET C 190 9.91 -15.89 -25.98
C MET C 190 10.41 -14.60 -26.57
N TYR C 191 11.70 -14.54 -26.91
CA TYR C 191 12.24 -13.38 -27.64
C TYR C 191 11.50 -13.23 -28.97
N LEU C 192 11.27 -14.35 -29.66
CA LEU C 192 10.62 -14.40 -30.97
C LEU C 192 9.19 -13.90 -30.79
N PHE C 193 8.53 -14.46 -29.77
CA PHE C 193 7.16 -14.11 -29.41
C PHE C 193 6.94 -12.63 -29.09
N LEU C 194 7.75 -12.10 -28.15
CA LEU C 194 7.69 -10.66 -27.77
C LEU C 194 7.99 -9.76 -28.97
N LEU C 195 8.99 -10.15 -29.77
CA LEU C 195 9.38 -9.35 -30.90
C LEU C 195 8.19 -9.20 -31.84
N VAL C 196 7.73 -10.32 -32.39
CA VAL C 196 6.59 -10.24 -33.29
C VAL C 196 5.46 -9.51 -32.56
N ALA C 197 5.11 -9.98 -31.37
CA ALA C 197 3.97 -9.41 -30.63
C ALA C 197 4.11 -7.90 -30.44
N TYR C 198 5.32 -7.41 -30.20
CA TYR C 198 5.54 -5.96 -30.03
C TYR C 198 5.32 -5.19 -31.33
N VAL C 199 5.64 -5.82 -32.45
CA VAL C 199 5.40 -5.22 -33.76
C VAL C 199 3.91 -5.31 -34.11
N ILE C 200 3.32 -6.47 -33.89
CA ILE C 200 1.89 -6.62 -34.08
C ILE C 200 1.11 -5.69 -33.15
N SER C 201 1.40 -5.79 -31.85
CA SER C 201 0.64 -5.06 -30.85
C SER C 201 1.48 -4.62 -29.64
N PRO C 202 1.90 -3.34 -29.60
CA PRO C 202 2.50 -2.80 -28.37
C PRO C 202 1.54 -2.71 -27.18
N ARG C 203 0.25 -2.48 -27.44
CA ARG C 203 -0.77 -2.45 -26.40
C ARG C 203 -1.01 -3.79 -25.69
N PHE C 204 -0.83 -4.89 -26.39
CA PHE C 204 -0.95 -6.21 -25.77
C PHE C 204 0.30 -6.45 -24.95
N VAL C 205 1.46 -6.29 -25.56
CA VAL C 205 2.73 -6.68 -24.90
C VAL C 205 2.89 -5.99 -23.57
N HIS C 206 2.77 -4.66 -23.56
CA HIS C 206 2.88 -3.89 -22.34
C HIS C 206 1.92 -4.44 -21.30
N ARG C 207 0.62 -4.23 -21.49
CA ARG C 207 -0.40 -4.88 -20.68
C ARG C 207 0.00 -6.30 -20.24
N PHE C 208 0.60 -7.07 -21.14
CA PHE C 208 0.96 -8.44 -20.81
C PHE C 208 2.05 -8.50 -19.76
N VAL C 209 2.92 -7.48 -19.74
CA VAL C 209 3.93 -7.36 -18.68
C VAL C 209 3.37 -6.74 -17.40
N GLY C 210 2.51 -5.72 -17.51
CA GLY C 210 1.77 -5.21 -16.35
C GLY C 210 1.16 -6.35 -15.56
N TYR C 211 0.57 -7.31 -16.26
CA TYR C 211 -0.02 -8.48 -15.64
C TYR C 211 1.02 -9.51 -15.25
N LEU C 212 2.09 -9.67 -16.04
CA LEU C 212 3.18 -10.57 -15.61
C LEU C 212 3.78 -10.13 -14.26
N GLU C 213 3.80 -8.82 -13.99
CA GLU C 213 4.42 -8.27 -12.77
C GLU C 213 3.46 -8.20 -11.58
N GLU C 214 2.19 -8.00 -11.86
CA GLU C 214 1.13 -8.18 -10.90
C GLU C 214 1.12 -9.56 -10.28
N GLU C 215 1.73 -10.52 -10.95
CA GLU C 215 1.89 -11.87 -10.47
C GLU C 215 3.19 -12.04 -9.72
N ALA C 216 4.23 -11.36 -10.19
CA ALA C 216 5.49 -11.32 -9.45
C ALA C 216 5.28 -10.63 -8.09
N VAL C 217 4.54 -9.53 -8.08
CA VAL C 217 4.28 -8.89 -6.81
C VAL C 217 3.57 -9.85 -5.87
N ILE C 218 2.90 -10.87 -6.42
CA ILE C 218 2.32 -11.94 -5.59
C ILE C 218 3.33 -13.02 -5.20
N THR C 219 4.26 -13.37 -6.07
CA THR C 219 5.23 -14.41 -5.72
C THR C 219 6.10 -13.95 -4.55
N TYR C 220 6.60 -12.71 -4.64
CA TYR C 220 7.57 -12.14 -3.71
C TYR C 220 6.99 -11.59 -2.41
N THR C 221 5.76 -11.07 -2.47
CA THR C 221 5.06 -10.72 -1.24
C THR C 221 4.72 -12.03 -0.51
N GLY C 222 4.24 -13.00 -1.27
CA GLY C 222 4.05 -14.36 -0.77
C GLY C 222 5.34 -14.94 -0.26
N VAL C 223 6.46 -14.72 -0.99
CA VAL C 223 7.75 -15.26 -0.55
C VAL C 223 8.15 -14.65 0.80
N MET C 224 7.92 -13.35 1.00
CA MET C 224 8.24 -12.70 2.30
C MET C 224 7.34 -13.23 3.42
N ARG C 225 6.18 -13.76 3.03
CA ARG C 225 5.20 -14.30 3.95
C ARG C 225 5.74 -15.59 4.54
N ALA C 226 6.39 -16.41 3.71
CA ALA C 226 6.85 -17.72 4.15
C ALA C 226 8.06 -17.58 5.07
N ILE C 227 8.67 -16.40 5.05
CA ILE C 227 9.78 -16.06 5.96
C ILE C 227 9.27 -15.38 7.21
N ASP C 228 8.19 -14.60 7.11
CA ASP C 228 7.55 -14.03 8.29
C ASP C 228 6.99 -15.13 9.21
N GLU C 229 6.72 -16.30 8.62
CA GLU C 229 6.10 -17.41 9.31
C GLU C 229 7.07 -18.60 9.50
N GLY C 230 8.36 -18.38 9.26
CA GLY C 230 9.41 -19.36 9.54
C GLY C 230 9.39 -20.62 8.69
N ARG C 231 8.48 -20.71 7.71
CA ARG C 231 8.43 -21.84 6.80
C ARG C 231 9.54 -21.66 5.78
N LEU C 232 10.29 -20.58 5.94
CA LEU C 232 11.45 -20.32 5.13
C LEU C 232 12.36 -19.52 6.01
N ARG C 233 13.61 -19.96 6.14
CA ARG C 233 14.50 -19.43 7.17
C ARG C 233 15.88 -19.14 6.57
N PRO C 234 16.03 -17.98 5.92
CA PRO C 234 17.31 -17.69 5.32
C PRO C 234 18.32 -17.17 6.34
N THR C 235 19.02 -18.11 6.99
CA THR C 235 20.33 -17.87 7.64
C THR C 235 21.29 -17.45 6.53
N LYS C 236 20.90 -17.76 5.29
CA LYS C 236 21.30 -16.97 4.12
C LYS C 236 20.96 -15.47 4.28
N ASN C 237 20.62 -15.04 5.51
CA ASN C 237 20.40 -13.63 5.89
C ASN C 237 21.55 -12.70 5.52
N ASP C 238 22.22 -13.04 4.44
CA ASP C 238 23.32 -12.29 3.89
C ASP C 238 23.00 -12.13 2.39
N VAL C 239 22.83 -10.88 1.99
CA VAL C 239 22.59 -10.55 0.60
C VAL C 239 23.92 -10.76 -0.11
N PRO C 240 23.89 -10.92 -1.45
CA PRO C 240 25.16 -10.80 -2.15
C PRO C 240 25.65 -9.34 -2.19
N GLU C 241 26.94 -9.12 -2.46
CA GLU C 241 27.50 -7.75 -2.51
C GLU C 241 26.97 -6.97 -3.71
N VAL C 242 26.72 -7.74 -4.79
CA VAL C 242 26.19 -7.24 -6.07
C VAL C 242 24.93 -6.44 -5.82
N ALA C 243 23.96 -7.13 -5.21
CA ALA C 243 22.71 -6.57 -4.74
C ALA C 243 22.92 -5.57 -3.63
N ARG C 244 23.94 -5.79 -2.83
CA ARG C 244 24.23 -4.85 -1.74
C ARG C 244 24.49 -3.38 -2.18
N VAL C 245 25.35 -3.16 -3.19
CA VAL C 245 25.57 -1.78 -3.69
C VAL C 245 24.59 -1.34 -4.77
N TYR C 246 23.94 -2.29 -5.47
CA TYR C 246 22.95 -1.95 -6.49
C TYR C 246 21.74 -1.24 -5.83
N TRP C 247 21.23 -1.90 -4.79
CA TRP C 247 20.07 -1.46 -4.05
C TRP C 247 20.43 -0.56 -2.87
N ASN C 248 21.74 -0.48 -2.54
CA ASN C 248 22.21 0.32 -1.40
C ASN C 248 21.75 -0.24 -0.05
N LEU C 249 21.81 -1.56 0.05
CA LEU C 249 21.54 -2.30 1.27
C LEU C 249 22.74 -2.22 2.20
N SER C 250 22.48 -1.89 3.47
CA SER C 250 23.54 -1.89 4.47
C SER C 250 23.85 -3.34 4.86
N LYS C 251 24.81 -3.51 5.78
CA LYS C 251 25.32 -4.84 6.15
C LYS C 251 24.36 -5.66 7.00
N ASN C 252 23.30 -5.02 7.50
CA ASN C 252 22.33 -5.67 8.38
C ASN C 252 21.06 -6.01 7.63
N ALA C 253 21.07 -5.79 6.33
CA ALA C 253 19.96 -6.15 5.50
C ALA C 253 19.81 -7.67 5.55
N THR C 254 18.58 -8.13 5.70
CA THR C 254 18.32 -9.57 5.69
C THR C 254 17.85 -9.98 4.31
N PHE C 255 17.83 -11.29 4.06
CA PHE C 255 17.24 -11.78 2.84
C PHE C 255 15.84 -11.17 2.63
N ARG C 256 15.06 -11.02 3.71
CA ARG C 256 13.70 -10.43 3.58
C ARG C 256 13.76 -9.04 2.97
N ASP C 257 14.65 -8.18 3.47
CA ASP C 257 14.81 -6.82 2.95
C ASP C 257 15.04 -6.85 1.41
N LEU C 258 15.91 -7.73 0.95
CA LEU C 258 16.23 -7.91 -0.48
C LEU C 258 15.03 -8.34 -1.32
N ILE C 259 14.18 -9.18 -0.77
CA ILE C 259 12.98 -9.53 -1.53
C ILE C 259 12.02 -8.35 -1.65
N ASN C 260 12.08 -7.46 -0.64
CA ASN C 260 11.34 -6.19 -0.58
C ASN C 260 11.82 -5.18 -1.63
N VAL C 261 13.12 -5.13 -1.89
CA VAL C 261 13.59 -4.20 -2.93
C VAL C 261 13.17 -4.74 -4.31
N ILE C 262 13.45 -6.03 -4.56
CA ILE C 262 13.03 -6.76 -5.79
C ILE C 262 11.55 -6.72 -6.05
N ARG C 263 10.75 -6.85 -4.99
CA ARG C 263 9.30 -6.71 -5.09
C ARG C 263 8.95 -5.29 -5.48
N ALA C 264 9.63 -4.30 -4.90
CA ALA C 264 9.36 -2.90 -5.27
C ALA C 264 9.71 -2.65 -6.75
N ASP C 265 10.78 -3.30 -7.23
CA ASP C 265 11.17 -3.19 -8.64
C ASP C 265 10.00 -3.71 -9.47
N GLU C 266 9.63 -4.97 -9.25
CA GLU C 266 8.46 -5.56 -9.89
C GLU C 266 7.22 -4.66 -9.82
N ALA C 267 7.06 -3.94 -8.71
CA ALA C 267 5.97 -2.96 -8.58
C ALA C 267 6.21 -1.62 -9.30
N GLU C 268 7.44 -1.33 -9.73
CA GLU C 268 7.67 -0.21 -10.68
C GLU C 268 7.28 -0.70 -12.10
N HIS C 269 7.55 -1.96 -12.39
CA HIS C 269 7.31 -2.49 -13.72
C HIS C 269 5.82 -2.69 -13.98
N ARG C 270 5.13 -3.28 -13.00
CA ARG C 270 3.64 -3.32 -13.01
C ARG C 270 3.03 -1.97 -13.44
N VAL C 271 3.19 -0.92 -12.62
CA VAL C 271 2.61 0.39 -12.98
C VAL C 271 3.04 0.93 -14.34
N VAL C 272 4.35 0.92 -14.63
CA VAL C 272 4.78 1.60 -15.86
C VAL C 272 4.10 0.97 -17.06
N ASN C 273 4.08 -0.36 -17.07
CA ASN C 273 3.62 -1.14 -18.21
C ASN C 273 2.13 -1.31 -18.32
N HIS C 274 1.38 -0.95 -17.27
CA HIS C 274 -0.09 -0.78 -17.43
C HIS C 274 -0.40 0.63 -17.88
N THR C 275 0.51 1.56 -17.63
CA THR C 275 0.34 2.90 -18.10
C THR C 275 0.74 2.96 -19.58
N PHE C 276 1.89 2.43 -19.95
CA PHE C 276 2.28 2.48 -21.36
C PHE C 276 1.16 1.85 -22.19
N ALA C 277 0.64 0.74 -21.68
CA ALA C 277 -0.50 0.05 -22.26
C ALA C 277 -1.64 1.05 -22.50
N ASP C 278 -1.98 1.81 -21.46
CA ASP C 278 -3.03 2.84 -21.50
C ASP C 278 -2.76 4.03 -22.41
N MET C 279 -1.49 4.29 -22.67
CA MET C 279 -1.14 5.43 -23.48
C MET C 279 -1.31 5.00 -24.92
N HIS C 280 -0.85 3.79 -25.23
CA HIS C 280 -1.18 3.14 -26.51
C HIS C 280 -2.69 3.04 -26.80
N GLU C 281 -3.47 2.62 -25.81
CA GLU C 281 -4.95 2.52 -25.96
C GLU C 281 -5.58 3.84 -26.41
N LYS C 282 -5.05 4.95 -25.89
CA LYS C 282 -5.59 6.28 -26.16
C LYS C 282 -4.85 6.94 -27.33
N ARG C 283 -4.33 6.10 -28.22
CA ARG C 283 -3.44 6.52 -29.29
C ARG C 283 -2.53 7.69 -28.85
N LEU C 284 -1.80 7.45 -27.77
CA LEU C 284 -0.81 8.39 -27.22
C LEU C 284 0.58 7.75 -27.05
N GLN C 285 0.83 6.61 -27.69
CA GLN C 285 2.17 6.02 -27.75
C GLN C 285 3.29 6.96 -28.15
N ASN C 286 2.96 8.05 -28.82
CA ASN C 286 3.95 9.03 -29.24
C ASN C 286 3.89 10.31 -28.38
N SER C 287 3.64 10.12 -27.09
CA SER C 287 3.56 11.22 -26.10
C SER C 287 4.72 11.09 -25.10
N VAL C 288 4.90 12.08 -24.24
CA VAL C 288 6.00 12.01 -23.30
C VAL C 288 5.69 10.87 -22.32
N ASN C 289 6.72 10.09 -21.99
CA ASN C 289 6.64 9.16 -20.88
C ASN C 289 6.53 9.99 -19.60
N PRO C 290 5.52 9.70 -18.74
CA PRO C 290 5.37 10.58 -17.57
C PRO C 290 6.41 10.36 -16.47
N PHE C 291 7.07 9.19 -16.47
CA PHE C 291 7.94 8.80 -15.34
C PHE C 291 9.32 9.44 -15.38
N VAL C 292 9.78 9.88 -16.55
CA VAL C 292 10.97 10.73 -16.58
C VAL C 292 10.66 11.97 -15.74
N VAL C 293 9.44 12.46 -15.78
CA VAL C 293 9.14 13.69 -15.06
C VAL C 293 8.62 13.44 -13.62
N LEU C 294 7.86 12.36 -13.44
CA LEU C 294 7.40 11.97 -12.09
C LEU C 294 8.54 11.57 -11.12
N LYS C 295 9.74 11.35 -11.66
CA LYS C 295 10.99 11.24 -10.88
C LYS C 295 11.83 12.53 -11.04
N LYS C 296 12.02 13.26 -9.95
CA LYS C 296 12.71 14.54 -9.98
C LYS C 296 12.93 15.05 -8.54
N THR D 30 9.48 7.21 2.68
CA THR D 30 8.57 7.95 1.76
C THR D 30 9.38 8.90 0.88
N PRO D 31 9.97 8.37 -0.22
CA PRO D 31 10.60 9.27 -1.17
C PRO D 31 9.59 10.19 -1.90
N VAL D 32 10.08 10.87 -2.94
CA VAL D 32 9.20 11.45 -3.94
C VAL D 32 8.54 10.30 -4.68
N TRP D 33 9.32 9.26 -4.95
CA TRP D 33 8.85 8.10 -5.72
C TRP D 33 8.89 6.82 -4.89
N GLY D 34 7.70 6.38 -4.44
CA GLY D 34 7.53 5.10 -3.74
C GLY D 34 6.09 4.60 -3.72
N HIS D 35 5.78 3.77 -2.70
CA HIS D 35 4.55 2.92 -2.63
C HIS D 35 3.23 3.65 -2.94
N THR D 36 3.17 4.92 -2.60
CA THR D 36 2.02 5.74 -2.95
C THR D 36 1.75 5.63 -4.44
N GLN D 37 2.80 5.70 -5.24
CA GLN D 37 2.69 5.61 -6.69
C GLN D 37 2.92 4.21 -7.23
N LEU D 38 3.62 3.35 -6.49
CA LEU D 38 3.76 1.94 -6.87
C LEU D 38 2.46 1.15 -6.63
N ASN D 39 1.55 1.73 -5.86
CA ASN D 39 0.26 1.10 -5.61
C ASN D 39 -0.82 1.74 -6.47
N ARG D 40 -0.43 2.58 -7.43
CA ARG D 40 -1.37 3.07 -8.46
C ARG D 40 -1.48 2.07 -9.60
N LEU D 41 -2.65 2.04 -10.23
CA LEU D 41 -2.92 1.13 -11.32
C LEU D 41 -2.24 1.60 -12.62
N SER D 42 -2.12 2.92 -12.77
CA SER D 42 -2.01 3.53 -14.10
C SER D 42 -1.91 5.01 -13.90
N PHE D 43 -0.98 5.65 -14.61
CA PHE D 43 -0.73 7.09 -14.45
C PHE D 43 -1.26 7.95 -15.60
N LEU D 44 -1.88 7.32 -16.59
CA LEU D 44 -2.66 8.01 -17.63
C LEU D 44 -3.18 9.39 -17.18
N GLU D 45 -4.08 9.44 -16.20
CA GLU D 45 -4.66 10.72 -15.80
C GLU D 45 -3.65 11.88 -15.79
N THR D 46 -2.37 11.61 -15.45
CA THR D 46 -1.37 12.68 -15.32
C THR D 46 -0.69 13.16 -16.63
N VAL D 47 -0.86 12.43 -17.73
CA VAL D 47 -0.11 12.74 -18.97
C VAL D 47 -0.40 14.13 -19.55
N PRO D 48 -1.68 14.50 -19.73
CA PRO D 48 -1.86 15.75 -20.48
C PRO D 48 -1.29 16.96 -19.77
N VAL D 49 -1.03 16.84 -18.46
CA VAL D 49 -0.38 17.92 -17.70
C VAL D 49 1.13 17.73 -17.47
N VAL D 50 1.71 16.60 -17.87
CA VAL D 50 3.16 16.42 -17.66
C VAL D 50 3.92 17.12 -18.81
N PRO D 51 4.87 18.01 -18.47
CA PRO D 51 5.46 18.88 -19.52
C PRO D 51 6.53 18.28 -20.46
N LEU D 52 6.67 18.90 -21.62
CA LEU D 52 7.63 18.52 -22.64
C LEU D 52 8.92 19.33 -22.48
N ARG D 53 9.97 18.63 -22.07
CA ARG D 53 11.26 19.22 -21.74
C ARG D 53 12.34 18.46 -22.49
N VAL D 54 13.19 19.20 -23.18
CA VAL D 54 14.15 18.53 -24.05
C VAL D 54 15.17 17.66 -23.28
N SER D 55 15.50 18.06 -22.05
CA SER D 55 16.41 17.29 -21.19
C SER D 55 15.98 15.85 -20.84
N ASP D 56 14.68 15.54 -20.92
CA ASP D 56 14.23 14.15 -20.72
C ASP D 56 14.44 13.23 -21.94
N GLU D 57 14.97 13.76 -23.06
CA GLU D 57 14.98 12.97 -24.30
C GLU D 57 16.03 11.86 -24.20
N SER D 58 16.90 12.01 -23.20
CA SER D 58 18.02 11.13 -22.96
C SER D 58 18.08 10.75 -21.50
N SER D 59 18.88 9.74 -21.18
CA SER D 59 19.16 9.37 -19.79
C SER D 59 20.03 10.44 -19.15
N GLU D 60 20.37 10.27 -17.88
CA GLU D 60 21.26 11.21 -17.19
C GLU D 60 22.76 11.05 -17.56
N ASP D 61 23.09 10.11 -18.44
CA ASP D 61 24.48 9.87 -18.85
C ASP D 61 24.93 10.78 -20.03
N ARG D 62 24.83 12.09 -19.81
CA ARG D 62 25.23 13.07 -20.79
C ARG D 62 26.74 13.20 -20.82
N PRO D 63 27.30 13.70 -21.93
CA PRO D 63 28.76 13.85 -21.93
C PRO D 63 29.23 15.14 -21.25
N THR D 64 30.42 15.04 -20.67
CA THR D 64 31.04 16.10 -19.89
C THR D 64 32.39 16.40 -20.52
N TRP D 65 32.43 17.44 -21.35
CA TRP D 65 33.63 17.80 -22.12
C TRP D 65 34.02 19.24 -21.79
N SER D 66 35.31 19.46 -21.56
CA SER D 66 35.89 20.80 -21.55
C SER D 66 36.16 21.26 -23.02
N LEU D 67 35.61 22.40 -23.41
CA LEU D 67 35.64 22.82 -24.83
C LEU D 67 37.04 23.04 -25.39
N PRO D 68 37.88 23.81 -24.67
CA PRO D 68 39.28 23.93 -25.10
C PRO D 68 40.00 22.57 -25.21
N ASP D 69 39.75 21.66 -24.28
CA ASP D 69 40.44 20.36 -24.27
C ASP D 69 40.11 19.51 -25.50
N ILE D 70 38.82 19.24 -25.73
CA ILE D 70 38.42 18.33 -26.80
C ILE D 70 38.77 18.93 -28.14
N GLU D 71 39.25 20.16 -28.12
CA GLU D 71 39.76 20.85 -29.33
C GLU D 71 40.99 20.18 -29.85
N ASN D 72 41.64 19.37 -28.99
CA ASN D 72 42.86 18.62 -29.31
C ASN D 72 42.53 17.16 -29.65
N VAL D 73 41.30 16.91 -30.05
CA VAL D 73 40.90 15.62 -30.61
C VAL D 73 41.60 15.51 -31.93
N ALA D 74 42.45 14.50 -32.12
CA ALA D 74 43.18 14.37 -33.39
C ALA D 74 42.61 13.23 -34.19
N ILE D 75 43.01 13.16 -35.42
CA ILE D 75 42.68 12.02 -36.25
C ILE D 75 43.78 10.99 -35.98
N THR D 76 43.39 9.73 -35.98
CA THR D 76 44.29 8.66 -35.64
C THR D 76 43.85 7.57 -36.57
N HIS D 77 44.63 6.50 -36.69
CA HIS D 77 44.16 5.33 -37.40
C HIS D 77 44.87 4.10 -36.88
N LYS D 78 44.08 3.12 -36.41
CA LYS D 78 44.62 1.86 -35.91
C LYS D 78 44.92 0.87 -37.04
N LYS D 79 46.07 0.21 -36.97
CA LYS D 79 46.54 -0.62 -38.08
C LYS D 79 45.97 -2.02 -38.00
N PRO D 80 45.37 -2.50 -39.12
CA PRO D 80 44.90 -3.90 -39.24
C PRO D 80 45.97 -4.91 -38.81
N ASN D 81 45.56 -5.95 -38.10
CA ASN D 81 46.49 -6.98 -37.66
C ASN D 81 46.33 -8.34 -38.34
N GLY D 82 45.21 -8.58 -39.00
CA GLY D 82 45.02 -9.82 -39.73
C GLY D 82 43.90 -9.78 -40.75
N LEU D 83 43.55 -10.95 -41.29
CA LEU D 83 42.59 -11.08 -42.40
C LEU D 83 41.24 -10.39 -42.17
N VAL D 84 40.75 -10.45 -40.93
CA VAL D 84 39.41 -10.00 -40.56
C VAL D 84 39.34 -8.50 -40.23
N ASP D 85 40.44 -7.95 -39.71
CA ASP D 85 40.56 -6.50 -39.50
C ASP D 85 40.75 -5.73 -40.81
N THR D 86 41.53 -6.30 -41.72
CA THR D 86 41.82 -5.65 -43.00
C THR D 86 40.55 -5.59 -43.84
N LEU D 87 39.73 -6.61 -43.73
CA LEU D 87 38.46 -6.67 -44.44
C LEU D 87 37.46 -5.75 -43.77
N ALA D 88 37.73 -5.47 -42.51
CA ALA D 88 36.99 -4.47 -41.77
C ALA D 88 37.39 -3.08 -42.24
N TYR D 89 38.70 -2.89 -42.49
CA TYR D 89 39.24 -1.64 -43.03
C TYR D 89 38.68 -1.31 -44.41
N ARG D 90 38.61 -2.33 -45.26
CA ARG D 90 38.33 -2.15 -46.70
C ARG D 90 36.85 -2.07 -47.07
N SER D 91 35.97 -2.48 -46.17
CA SER D 91 34.54 -2.30 -46.41
C SER D 91 34.11 -0.91 -45.97
N VAL D 92 34.97 -0.19 -45.25
CA VAL D 92 34.73 1.19 -44.84
C VAL D 92 35.36 2.16 -45.83
N ARG D 93 36.54 1.81 -46.37
CA ARG D 93 37.07 2.56 -47.53
C ARG D 93 36.04 2.53 -48.66
N THR D 94 35.74 1.33 -49.15
CA THR D 94 34.77 1.09 -50.24
C THR D 94 33.46 1.87 -50.04
N CYS D 95 32.81 1.63 -48.91
CA CYS D 95 31.52 2.25 -48.62
C CYS D 95 31.59 3.77 -48.44
N ARG D 96 32.79 4.32 -48.19
CA ARG D 96 32.97 5.78 -48.18
C ARG D 96 33.33 6.30 -49.56
N TRP D 97 33.69 5.39 -50.47
CA TRP D 97 34.01 5.73 -51.86
C TRP D 97 32.70 5.85 -52.61
N LEU D 98 31.90 4.77 -52.55
CA LEU D 98 30.55 4.76 -53.09
C LEU D 98 29.73 5.93 -52.53
N PHE D 99 29.70 6.04 -51.20
CA PHE D 99 28.85 7.03 -50.55
C PHE D 99 29.28 8.46 -50.89
N ASP D 100 30.57 8.76 -50.76
CA ASP D 100 31.06 10.14 -50.99
C ASP D 100 30.72 10.75 -52.35
N THR D 101 30.91 9.97 -53.40
CA THR D 101 30.72 10.45 -54.76
C THR D 101 29.24 10.61 -55.13
N PHE D 102 28.42 9.63 -54.74
CA PHE D 102 26.98 9.66 -55.00
C PHE D 102 26.23 10.68 -54.15
N SER D 103 26.79 11.03 -52.99
CA SER D 103 26.17 12.08 -52.14
C SER D 103 26.59 13.47 -52.62
N LEU D 104 27.13 13.54 -53.84
CA LEU D 104 27.56 14.80 -54.44
C LEU D 104 28.37 15.65 -53.44
N TYR D 105 29.16 14.99 -52.60
CA TYR D 105 30.01 15.64 -51.60
C TYR D 105 31.32 16.09 -52.24
N ARG D 106 31.60 15.59 -53.45
CA ARG D 106 32.73 16.04 -54.27
C ARG D 106 32.32 17.06 -55.34
N PHE D 107 31.12 16.90 -55.89
CA PHE D 107 30.66 17.70 -57.03
C PHE D 107 30.03 19.02 -56.54
N GLY D 108 30.26 20.10 -57.29
CA GLY D 108 29.79 21.44 -56.91
C GLY D 108 30.49 22.00 -55.68
N SER D 109 29.90 23.04 -55.09
CA SER D 109 30.41 23.65 -53.84
C SER D 109 29.73 23.03 -52.61
N ILE D 110 30.44 22.99 -51.49
CA ILE D 110 29.94 22.34 -50.27
C ILE D 110 29.26 23.37 -49.34
N THR D 111 27.95 23.18 -49.11
CA THR D 111 27.12 24.18 -48.42
C THR D 111 26.69 23.72 -47.01
N GLU D 112 25.84 24.51 -46.36
CA GLU D 112 25.25 24.13 -45.09
C GLU D 112 24.39 22.88 -45.29
N SER D 113 23.50 22.96 -46.27
CA SER D 113 22.60 21.88 -46.65
C SER D 113 23.32 20.54 -46.75
N LYS D 114 24.26 20.46 -47.68
CA LYS D 114 24.93 19.22 -48.00
C LYS D 114 25.45 18.48 -46.76
N VAL D 115 25.93 19.26 -45.79
CA VAL D 115 26.61 18.72 -44.63
C VAL D 115 25.58 18.22 -43.63
N ILE D 116 24.54 19.01 -43.40
CA ILE D 116 23.41 18.57 -42.56
C ILE D 116 22.75 17.32 -43.14
N SER D 117 22.68 17.24 -44.47
CA SER D 117 21.99 16.14 -45.14
C SER D 117 22.70 14.83 -44.89
N ARG D 118 23.97 14.81 -45.27
CA ARG D 118 24.90 13.69 -45.02
C ARG D 118 24.89 13.18 -43.58
N CYS D 119 24.89 14.12 -42.64
CA CYS D 119 25.00 13.81 -41.23
C CYS D 119 23.69 13.26 -40.65
N LEU D 120 22.58 13.92 -41.00
CA LEU D 120 21.26 13.37 -40.73
C LEU D 120 21.28 11.89 -41.06
N PHE D 121 21.69 11.59 -42.28
CA PHE D 121 21.50 10.28 -42.86
C PHE D 121 22.30 9.18 -42.16
N LEU D 122 23.54 9.48 -41.81
CA LEU D 122 24.46 8.46 -41.29
C LEU D 122 24.30 8.23 -39.78
N GLU D 123 23.96 9.28 -39.06
CA GLU D 123 23.67 9.15 -37.66
C GLU D 123 22.55 8.12 -37.37
N THR D 124 21.72 7.84 -38.38
CA THR D 124 20.61 6.87 -38.29
C THR D 124 21.04 5.42 -38.54
N VAL D 125 22.20 5.26 -39.15
CA VAL D 125 22.86 3.95 -39.32
C VAL D 125 23.73 3.69 -38.09
N ALA D 126 24.20 4.79 -37.49
CA ALA D 126 25.16 4.74 -36.42
C ALA D 126 24.56 4.32 -35.08
N GLY D 127 23.26 4.53 -34.94
CA GLY D 127 22.56 4.14 -33.75
C GLY D 127 22.39 2.64 -33.66
N VAL D 128 22.53 1.93 -34.78
CA VAL D 128 22.19 0.50 -34.85
C VAL D 128 23.17 -0.39 -34.10
N PRO D 129 24.50 -0.33 -34.44
CA PRO D 129 25.54 -1.14 -33.80
C PRO D 129 25.49 -1.32 -32.27
N GLY D 130 25.32 -0.24 -31.50
CA GLY D 130 25.33 -0.31 -30.05
C GLY D 130 24.03 -0.91 -29.49
N MET D 131 23.01 -0.95 -30.33
CA MET D 131 21.77 -1.57 -29.97
C MET D 131 21.75 -3.00 -30.52
N VAL D 132 22.80 -3.45 -31.21
CA VAL D 132 22.82 -4.88 -31.48
C VAL D 132 23.67 -5.57 -30.43
N GLY D 133 24.83 -5.02 -30.12
CA GLY D 133 25.70 -5.62 -29.13
C GLY D 133 25.05 -5.51 -27.78
N GLY D 134 24.76 -4.27 -27.36
CA GLY D 134 23.86 -4.04 -26.24
C GLY D 134 22.91 -5.22 -26.10
N MET D 135 22.09 -5.44 -27.12
CA MET D 135 21.06 -6.47 -27.04
C MET D 135 21.63 -7.92 -27.00
N LEU D 136 22.50 -8.27 -27.93
CA LEU D 136 23.12 -9.59 -27.90
C LEU D 136 23.78 -9.88 -26.56
N ARG D 137 24.52 -8.94 -25.98
CA ARG D 137 25.18 -9.19 -24.69
C ARG D 137 24.21 -9.24 -23.51
N HIS D 138 23.08 -8.55 -23.62
CA HIS D 138 22.04 -8.59 -22.62
C HIS D 138 21.47 -9.99 -22.62
N LEU D 139 21.14 -10.48 -23.82
CA LEU D 139 20.55 -11.80 -23.97
C LEU D 139 21.54 -12.93 -23.67
N SER D 140 22.82 -12.69 -23.85
CA SER D 140 23.75 -13.77 -23.58
C SER D 140 23.77 -13.99 -22.09
N SER D 141 24.16 -12.94 -21.37
CA SER D 141 24.14 -12.91 -19.92
C SER D 141 22.82 -13.51 -19.36
N LEU D 142 21.70 -13.26 -20.04
CA LEU D 142 20.40 -13.75 -19.58
C LEU D 142 20.24 -15.27 -19.62
N ARG D 143 20.79 -15.96 -20.62
CA ARG D 143 20.53 -17.41 -20.76
C ARG D 143 21.69 -18.28 -20.37
N TYR D 144 22.89 -17.76 -20.54
CA TYR D 144 24.06 -18.37 -19.96
C TYR D 144 24.22 -17.93 -18.50
N MET D 145 23.41 -16.96 -18.08
CA MET D 145 23.36 -16.52 -16.69
C MET D 145 24.74 -16.21 -16.14
N THR D 146 25.38 -15.23 -16.78
CA THR D 146 26.73 -14.85 -16.45
C THR D 146 26.81 -13.34 -16.24
N ARG D 147 27.82 -12.89 -15.50
CA ARG D 147 28.00 -11.47 -15.25
C ARG D 147 28.49 -10.92 -16.56
N ASP D 148 28.31 -9.63 -16.81
CA ASP D 148 28.64 -9.02 -18.11
C ASP D 148 29.79 -8.03 -18.01
N LYS D 149 29.84 -7.33 -16.87
CA LYS D 149 31.01 -6.59 -16.46
C LYS D 149 31.08 -5.24 -17.21
N GLY D 150 29.89 -4.77 -17.62
CA GLY D 150 29.72 -3.38 -18.03
C GLY D 150 29.96 -3.16 -19.50
N TRP D 151 29.67 -4.18 -20.30
CA TRP D 151 29.78 -4.02 -21.74
C TRP D 151 28.50 -3.37 -22.23
N ILE D 152 27.37 -3.95 -21.82
CA ILE D 152 26.02 -3.60 -22.28
C ILE D 152 25.70 -2.11 -22.14
N ASN D 153 26.17 -1.52 -21.05
CA ASN D 153 25.92 -0.11 -20.78
C ASN D 153 26.73 0.80 -21.74
N THR D 154 28.04 0.70 -21.77
CA THR D 154 28.82 1.52 -22.71
C THR D 154 28.22 1.52 -24.16
N LEU D 155 27.74 0.36 -24.62
CA LEU D 155 27.18 0.23 -25.96
C LEU D 155 25.80 0.85 -26.10
N LEU D 156 25.02 0.82 -25.02
CA LEU D 156 23.69 1.46 -25.02
C LEU D 156 23.78 2.98 -24.92
N VAL D 157 24.81 3.50 -24.26
CA VAL D 157 25.04 4.95 -24.28
C VAL D 157 25.74 5.37 -25.56
N GLU D 158 26.38 4.44 -26.25
CA GLU D 158 26.89 4.72 -27.60
C GLU D 158 25.64 4.96 -28.47
N ALA D 159 24.75 3.97 -28.52
CA ALA D 159 23.52 4.10 -29.34
C ALA D 159 22.70 5.36 -28.99
N GLU D 160 22.53 5.67 -27.70
CA GLU D 160 21.79 6.88 -27.35
C GLU D 160 22.56 8.08 -27.83
N ASN D 161 23.83 8.12 -27.50
CA ASN D 161 24.65 9.27 -27.89
C ASN D 161 24.48 9.55 -29.37
N GLU D 162 24.59 8.51 -30.18
CA GLU D 162 24.48 8.66 -31.62
C GLU D 162 23.08 9.22 -31.83
N ARG D 163 22.08 8.54 -31.30
CA ARG D 163 20.71 9.04 -31.38
C ARG D 163 20.52 10.51 -31.00
N MET D 164 21.31 11.03 -30.06
CA MET D 164 21.20 12.45 -29.68
C MET D 164 21.95 13.34 -30.65
N HIS D 165 22.93 12.76 -31.32
CA HIS D 165 23.49 13.39 -32.51
C HIS D 165 22.38 13.63 -33.50
N LEU D 166 21.55 12.59 -33.71
CA LEU D 166 20.53 12.60 -34.79
C LEU D 166 19.49 13.62 -34.50
N MET D 167 18.93 13.55 -33.29
CA MET D 167 17.93 14.52 -32.85
C MET D 167 18.49 15.93 -32.87
N THR D 168 19.82 16.06 -32.89
CA THR D 168 20.42 17.39 -33.02
C THR D 168 20.34 17.98 -34.45
N PHE D 169 20.74 17.21 -35.44
CA PHE D 169 20.75 17.70 -36.82
C PHE D 169 19.34 17.89 -37.37
N ILE D 170 18.40 17.06 -36.94
CA ILE D 170 17.02 17.09 -37.44
C ILE D 170 16.29 18.41 -37.14
N GLU D 171 16.81 19.22 -36.23
CA GLU D 171 16.28 20.52 -35.92
C GLU D 171 16.76 21.59 -36.90
N LEU D 172 17.63 21.19 -37.83
CA LEU D 172 18.14 22.11 -38.82
C LEU D 172 17.50 21.88 -40.20
N ARG D 173 17.11 20.63 -40.48
CA ARG D 173 16.67 20.24 -41.83
C ARG D 173 15.30 19.54 -41.87
N GLN D 174 14.37 20.12 -42.62
CA GLN D 174 13.08 19.50 -42.88
C GLN D 174 13.27 18.69 -44.16
N PRO D 175 13.41 17.35 -44.06
CA PRO D 175 13.87 16.52 -45.20
C PRO D 175 12.78 15.65 -45.87
N GLY D 176 12.59 15.83 -47.18
CA GLY D 176 11.52 15.19 -47.94
C GLY D 176 11.71 13.72 -48.22
N LEU D 177 10.99 13.23 -49.23
CA LEU D 177 10.83 11.79 -49.49
C LEU D 177 12.04 10.96 -49.93
N PRO D 178 12.99 11.54 -50.69
CA PRO D 178 14.13 10.68 -51.05
C PRO D 178 14.88 10.15 -49.81
N LEU D 179 15.44 11.09 -49.02
CA LEU D 179 16.07 10.74 -47.75
C LEU D 179 15.15 9.94 -46.83
N ARG D 180 13.93 10.42 -46.61
CA ARG D 180 12.97 9.74 -45.72
C ARG D 180 12.95 8.22 -45.95
N VAL D 181 12.67 7.81 -47.19
CA VAL D 181 12.49 6.40 -47.55
C VAL D 181 13.78 5.56 -47.52
N SER D 182 14.91 6.17 -47.87
CA SER D 182 16.16 5.40 -47.95
C SER D 182 16.75 5.27 -46.57
N ILE D 183 16.44 6.23 -45.71
CA ILE D 183 16.75 6.11 -44.29
C ILE D 183 16.05 4.86 -43.72
N ILE D 184 14.80 4.63 -44.11
CA ILE D 184 14.05 3.45 -43.68
C ILE D 184 14.56 2.12 -44.25
N ILE D 185 14.70 2.00 -45.57
CA ILE D 185 15.09 0.70 -46.11
C ILE D 185 16.58 0.40 -45.84
N THR D 186 17.32 1.43 -45.44
CA THR D 186 18.71 1.23 -45.00
C THR D 186 18.72 0.63 -43.61
N GLN D 187 17.98 1.25 -42.68
CA GLN D 187 17.81 0.64 -41.37
C GLN D 187 17.59 -0.85 -41.57
N ALA D 188 16.56 -1.20 -42.32
CA ALA D 188 16.26 -2.60 -42.67
C ALA D 188 17.50 -3.28 -43.20
N ILE D 189 18.10 -2.70 -44.24
CA ILE D 189 19.32 -3.28 -44.81
C ILE D 189 20.48 -3.49 -43.78
N MET D 190 20.88 -2.44 -43.05
CA MET D 190 22.02 -2.59 -42.11
C MET D 190 21.67 -3.47 -40.92
N TYR D 191 20.50 -3.24 -40.33
CA TYR D 191 20.08 -4.00 -39.15
C TYR D 191 20.44 -5.48 -39.28
N LEU D 192 19.73 -6.18 -40.17
CA LEU D 192 20.00 -7.60 -40.45
C LEU D 192 21.49 -7.89 -40.76
N PHE D 193 22.18 -7.02 -41.48
CA PHE D 193 23.62 -7.23 -41.70
C PHE D 193 24.39 -7.25 -40.38
N LEU D 194 24.16 -6.25 -39.53
CA LEU D 194 24.85 -6.20 -38.24
C LEU D 194 24.37 -7.28 -37.27
N LEU D 195 23.10 -7.67 -37.39
CA LEU D 195 22.56 -8.82 -36.65
C LEU D 195 23.34 -10.11 -36.97
N VAL D 196 23.33 -10.58 -38.22
CA VAL D 196 24.02 -11.82 -38.57
C VAL D 196 25.54 -11.76 -38.36
N ALA D 197 26.11 -10.56 -38.40
CA ALA D 197 27.57 -10.38 -38.30
C ALA D 197 28.04 -10.49 -36.87
N TYR D 198 27.31 -9.83 -35.95
CA TYR D 198 27.72 -9.81 -34.54
C TYR D 198 27.67 -11.18 -33.90
N VAL D 199 26.74 -12.01 -34.36
CA VAL D 199 26.65 -13.35 -33.81
C VAL D 199 27.82 -14.21 -34.31
N ILE D 200 28.37 -13.90 -35.49
CA ILE D 200 29.49 -14.68 -36.04
C ILE D 200 30.88 -14.15 -35.66
N SER D 201 31.08 -12.85 -35.78
CA SER D 201 32.36 -12.25 -35.39
C SER D 201 32.09 -10.89 -34.76
N PRO D 202 31.79 -10.87 -33.45
CA PRO D 202 31.59 -9.57 -32.81
C PRO D 202 32.82 -8.68 -33.00
N ARG D 203 33.98 -9.33 -33.11
CA ARG D 203 35.24 -8.69 -33.43
C ARG D 203 35.11 -7.79 -34.65
N PHE D 204 34.81 -8.43 -35.77
CA PHE D 204 34.62 -7.78 -37.04
C PHE D 204 33.85 -6.50 -36.79
N VAL D 205 32.63 -6.64 -36.28
CA VAL D 205 31.71 -5.50 -36.11
C VAL D 205 32.31 -4.37 -35.30
N HIS D 206 33.10 -4.71 -34.28
CA HIS D 206 33.66 -3.69 -33.43
C HIS D 206 34.83 -3.08 -34.16
N ARG D 207 35.44 -3.84 -35.07
CA ARG D 207 36.51 -3.29 -35.90
C ARG D 207 35.94 -2.40 -37.01
N PHE D 208 34.84 -2.85 -37.63
CA PHE D 208 34.08 -2.06 -38.57
C PHE D 208 33.76 -0.70 -37.92
N VAL D 209 32.86 -0.66 -36.96
CA VAL D 209 32.58 0.57 -36.21
C VAL D 209 33.87 1.34 -35.86
N GLY D 210 34.89 0.64 -35.37
CA GLY D 210 36.20 1.23 -35.19
C GLY D 210 36.57 2.20 -36.32
N TYR D 211 36.50 1.73 -37.56
CA TYR D 211 36.96 2.55 -38.71
C TYR D 211 35.91 3.55 -39.16
N LEU D 212 34.63 3.28 -38.90
CA LEU D 212 33.57 4.26 -39.16
C LEU D 212 33.86 5.51 -38.36
N GLU D 213 34.18 5.31 -37.09
CA GLU D 213 34.46 6.39 -36.19
C GLU D 213 35.77 7.14 -36.53
N GLU D 214 36.73 6.48 -37.15
CA GLU D 214 37.90 7.19 -37.63
C GLU D 214 37.40 8.21 -38.59
N GLU D 215 36.65 7.70 -39.57
CA GLU D 215 36.04 8.50 -40.61
C GLU D 215 35.15 9.64 -40.16
N ALA D 216 34.31 9.38 -39.17
CA ALA D 216 33.29 10.36 -38.79
C ALA D 216 33.99 11.58 -38.22
N VAL D 217 35.08 11.31 -37.50
CA VAL D 217 35.89 12.34 -36.90
C VAL D 217 36.55 13.23 -37.97
N ILE D 218 37.07 12.58 -39.03
CA ILE D 218 37.73 13.28 -40.14
C ILE D 218 36.69 14.19 -40.76
N THR D 219 35.56 13.59 -41.10
CA THR D 219 34.47 14.32 -41.69
C THR D 219 34.13 15.54 -40.85
N TYR D 220 33.91 15.32 -39.57
CA TYR D 220 33.55 16.42 -38.69
C TYR D 220 34.63 17.49 -38.52
N THR D 221 35.90 17.14 -38.72
CA THR D 221 36.96 18.13 -38.52
C THR D 221 37.02 18.99 -39.77
N GLY D 222 36.91 18.34 -40.94
CA GLY D 222 36.75 19.05 -42.19
C GLY D 222 35.70 20.15 -42.11
N VAL D 223 34.60 19.86 -41.41
CA VAL D 223 33.55 20.83 -41.23
C VAL D 223 34.07 21.97 -40.33
N MET D 224 34.84 21.64 -39.28
CA MET D 224 35.26 22.68 -38.31
C MET D 224 36.25 23.62 -38.99
N ARG D 225 37.27 22.99 -39.58
CA ARG D 225 38.15 23.58 -40.57
C ARG D 225 37.38 24.48 -41.52
N ALA D 226 36.35 23.93 -42.17
CA ALA D 226 35.49 24.76 -43.05
C ALA D 226 34.85 25.98 -42.35
N ILE D 227 34.43 25.82 -41.11
CA ILE D 227 33.92 26.97 -40.38
C ILE D 227 35.02 28.03 -40.26
N ASP D 228 36.20 27.63 -39.78
CA ASP D 228 37.29 28.57 -39.53
C ASP D 228 37.74 29.35 -40.77
N GLU D 229 37.68 28.70 -41.91
CA GLU D 229 37.97 29.29 -43.19
C GLU D 229 37.03 30.41 -43.56
N GLY D 230 35.78 30.27 -43.19
CA GLY D 230 34.75 31.19 -43.57
C GLY D 230 33.99 30.67 -44.73
N ARG D 231 34.29 29.44 -45.09
CA ARG D 231 33.50 28.69 -46.04
C ARG D 231 32.10 28.30 -45.60
N LEU D 232 31.97 27.92 -44.35
CA LEU D 232 30.71 27.52 -43.77
C LEU D 232 30.47 28.48 -42.67
N ARG D 233 29.33 29.13 -42.65
CA ARG D 233 29.03 30.10 -41.62
C ARG D 233 27.68 29.76 -41.12
N PRO D 234 27.49 29.56 -39.83
CA PRO D 234 26.21 28.99 -39.52
C PRO D 234 25.24 29.89 -40.19
N THR D 235 24.38 29.35 -41.04
CA THR D 235 23.19 30.06 -41.45
C THR D 235 22.23 30.07 -40.30
N LYS D 236 22.20 28.97 -39.55
CA LYS D 236 21.38 28.92 -38.36
C LYS D 236 22.23 28.99 -37.13
N ASN D 237 22.09 30.09 -36.42
CA ASN D 237 22.81 30.35 -35.20
C ASN D 237 22.01 29.87 -34.03
N ASP D 238 20.89 29.27 -34.39
CA ASP D 238 20.39 28.20 -33.54
C ASP D 238 21.48 27.07 -33.53
N VAL D 239 22.07 26.94 -32.35
CA VAL D 239 22.39 25.66 -31.77
C VAL D 239 21.05 25.27 -31.10
N PRO D 240 20.56 24.06 -31.41
CA PRO D 240 19.26 23.61 -30.88
C PRO D 240 19.13 23.52 -29.36
N GLU D 241 17.91 23.73 -28.86
CA GLU D 241 17.54 23.45 -27.46
C GLU D 241 18.12 22.06 -27.02
N VAL D 242 17.72 20.97 -27.67
CA VAL D 242 18.24 19.61 -27.39
C VAL D 242 19.73 19.57 -27.08
N ALA D 243 20.52 20.21 -27.93
CA ALA D 243 21.96 20.04 -27.89
C ALA D 243 22.55 20.83 -26.75
N ARG D 244 22.09 22.06 -26.57
CA ARG D 244 22.65 22.90 -25.51
C ARG D 244 22.48 22.22 -24.17
N VAL D 245 21.34 21.53 -23.97
CA VAL D 245 21.11 20.87 -22.68
C VAL D 245 21.92 19.58 -22.57
N TYR D 246 22.00 18.84 -23.67
CA TYR D 246 22.69 17.55 -23.70
C TYR D 246 24.21 17.63 -23.50
N TRP D 247 24.88 18.52 -24.22
CA TRP D 247 26.32 18.75 -23.98
C TRP D 247 26.55 19.86 -22.96
N ASN D 248 25.47 20.37 -22.37
CA ASN D 248 25.56 21.47 -21.41
C ASN D 248 26.41 22.65 -21.88
N LEU D 249 25.97 23.22 -22.99
CA LEU D 249 26.59 24.42 -23.55
C LEU D 249 26.00 25.68 -22.90
N SER D 250 26.82 26.71 -22.71
CA SER D 250 26.32 28.04 -22.34
C SER D 250 25.60 28.60 -23.55
N LYS D 251 24.73 29.56 -23.34
CA LYS D 251 23.74 29.89 -24.36
C LYS D 251 24.39 30.49 -25.60
N ASN D 252 25.56 31.11 -25.40
CA ASN D 252 26.24 31.84 -26.46
C ASN D 252 27.22 31.00 -27.26
N ALA D 253 27.30 29.71 -26.94
CA ALA D 253 28.23 28.81 -27.61
C ALA D 253 27.92 28.71 -29.12
N THR D 254 28.95 28.45 -29.92
CA THR D 254 28.88 28.53 -31.39
C THR D 254 28.44 27.21 -31.98
N PHE D 255 28.16 27.19 -33.28
CA PHE D 255 27.92 25.91 -34.00
C PHE D 255 29.23 25.11 -34.12
N ARG D 256 30.36 25.77 -33.92
CA ARG D 256 31.65 25.11 -33.99
C ARG D 256 31.73 24.22 -32.76
N ASP D 257 31.40 24.85 -31.63
CA ASP D 257 31.35 24.17 -30.35
C ASP D 257 30.43 22.95 -30.38
N LEU D 258 29.35 23.06 -31.15
CA LEU D 258 28.45 21.94 -31.39
C LEU D 258 29.20 20.80 -32.09
N ILE D 259 29.88 21.11 -33.18
CA ILE D 259 30.59 20.10 -33.95
C ILE D 259 31.76 19.60 -33.11
N ASN D 260 32.39 20.51 -32.38
CA ASN D 260 33.46 20.15 -31.43
C ASN D 260 33.07 18.94 -30.60
N VAL D 261 31.94 19.05 -29.91
CA VAL D 261 31.55 18.04 -28.94
C VAL D 261 30.98 16.78 -29.62
N ILE D 262 30.52 16.89 -30.85
CA ILE D 262 30.08 15.67 -31.53
C ILE D 262 31.28 14.85 -32.00
N ARG D 263 32.29 15.53 -32.49
CA ARG D 263 33.46 14.88 -33.02
C ARG D 263 34.25 14.28 -31.84
N ALA D 264 34.09 14.86 -30.66
CA ALA D 264 34.65 14.32 -29.42
C ALA D 264 33.95 13.03 -28.99
N ASP D 265 32.63 13.07 -28.97
CA ASP D 265 31.83 11.86 -28.76
C ASP D 265 32.22 10.76 -29.73
N GLU D 266 32.45 11.14 -31.00
CA GLU D 266 32.72 10.14 -32.06
C GLU D 266 34.07 9.49 -31.82
N ALA D 267 35.04 10.30 -31.40
CA ALA D 267 36.34 9.74 -31.00
C ALA D 267 36.23 8.75 -29.87
N GLU D 268 35.31 9.01 -28.93
CA GLU D 268 35.16 8.09 -27.79
C GLU D 268 34.75 6.66 -28.16
N HIS D 269 34.07 6.52 -29.28
CA HIS D 269 33.57 5.22 -29.74
C HIS D 269 34.61 4.53 -30.54
N ARG D 270 35.66 5.28 -30.89
CA ARG D 270 36.74 4.79 -31.73
C ARG D 270 37.67 3.94 -30.84
N VAL D 271 38.21 4.57 -29.79
CA VAL D 271 38.95 3.82 -28.77
C VAL D 271 38.06 2.71 -28.21
N VAL D 272 36.82 3.05 -27.81
CA VAL D 272 35.90 2.07 -27.23
C VAL D 272 35.78 0.91 -28.16
N ASN D 273 35.25 1.19 -29.33
CA ASN D 273 35.04 0.16 -30.31
C ASN D 273 36.29 -0.62 -30.65
N HIS D 274 37.37 0.03 -31.07
CA HIS D 274 38.60 -0.71 -31.38
C HIS D 274 39.07 -1.52 -30.18
N THR D 275 38.93 -0.95 -28.98
CA THR D 275 39.32 -1.67 -27.76
C THR D 275 38.55 -3.00 -27.69
N PHE D 276 37.22 -2.93 -27.77
CA PHE D 276 36.40 -4.12 -27.81
C PHE D 276 36.84 -5.15 -28.88
N ALA D 277 37.08 -4.70 -30.13
CA ALA D 277 37.48 -5.62 -31.19
C ALA D 277 38.86 -6.23 -30.92
N ASP D 278 39.76 -5.48 -30.28
CA ASP D 278 40.99 -6.06 -29.75
C ASP D 278 40.65 -7.18 -28.76
N MET D 279 39.78 -6.86 -27.80
CA MET D 279 39.48 -7.79 -26.72
C MET D 279 38.89 -9.12 -27.15
N HIS D 280 38.07 -9.13 -28.17
CA HIS D 280 37.59 -10.42 -28.68
C HIS D 280 38.73 -11.22 -29.30
N GLU D 281 39.64 -10.49 -29.95
CA GLU D 281 40.75 -11.07 -30.69
C GLU D 281 41.58 -11.96 -29.77
N LYS D 282 41.84 -11.48 -28.55
CA LYS D 282 42.64 -12.21 -27.57
C LYS D 282 41.76 -12.96 -26.56
N ARG D 283 40.55 -13.36 -26.97
CA ARG D 283 39.62 -14.08 -26.11
C ARG D 283 39.50 -13.37 -24.75
N LEU D 284 39.29 -12.05 -24.80
CA LEU D 284 39.00 -11.23 -23.61
C LEU D 284 37.54 -10.71 -23.57
N GLN D 285 36.63 -11.38 -24.26
CA GLN D 285 35.23 -10.95 -24.35
C GLN D 285 34.50 -10.93 -22.97
N ASN D 286 34.99 -11.71 -22.02
CA ASN D 286 34.40 -11.83 -20.67
C ASN D 286 35.14 -11.07 -19.59
N SER D 287 35.93 -10.08 -19.98
CA SER D 287 36.76 -9.38 -19.04
C SER D 287 36.01 -8.14 -18.62
N VAL D 288 36.61 -7.41 -17.69
CA VAL D 288 36.02 -6.18 -17.20
C VAL D 288 36.12 -5.12 -18.33
N ASN D 289 35.07 -4.34 -18.49
CA ASN D 289 35.05 -3.25 -19.48
C ASN D 289 35.96 -2.11 -19.02
N PRO D 290 37.12 -1.98 -19.63
CA PRO D 290 38.07 -1.04 -19.06
C PRO D 290 37.50 0.38 -18.79
N PHE D 291 36.48 0.80 -19.56
CA PHE D 291 35.96 2.20 -19.56
C PHE D 291 35.01 2.53 -18.44
N VAL D 292 34.36 1.50 -17.88
CA VAL D 292 33.54 1.68 -16.68
C VAL D 292 34.38 2.27 -15.56
N VAL D 293 35.63 1.81 -15.44
CA VAL D 293 36.52 2.27 -14.37
C VAL D 293 37.21 3.56 -14.85
N LEU D 294 37.81 3.52 -16.04
CA LEU D 294 38.38 4.72 -16.65
C LEU D 294 37.28 5.68 -17.16
N LYS D 295 36.44 6.22 -16.27
CA LYS D 295 35.46 7.27 -16.66
C LYS D 295 34.76 7.81 -15.42
#